data_6CGO
#
_entry.id   6CGO
#
_cell.length_a   103.630
_cell.length_b   58.770
_cell.length_c   107.000
_cell.angle_alpha   90.00
_cell.angle_beta   104.96
_cell.angle_gamma   90.00
#
_symmetry.space_group_name_H-M   'P 1 21 1'
#
loop_
_entity.id
_entity.type
_entity.pdbx_description
1 polymer 'Condensation domain protein'
2 non-polymer 'PHOSPHATE ION'
3 water water
#
_entity_poly.entity_id   1
_entity_poly.type   'polypeptide(L)'
_entity_poly.pdbx_seq_one_letter_code
;MHHHHHHGKPIPNPLLGLDSTENLYFQGIDPFTMTIPALLSELQARGITLSLADGELSFRAPKGALTPADRATLSARREA
IVAYLAAKAARRTDPVTITPSAELRPSLLQELWWHWYGLPPRQLNQERLPLVKLFPGVTAGRVAEALRAIVARHHTLRSS
FHEEDGRLTVTLNEAAALPIEFVEADGTLPREELEPALKAQAAEYAARQLPLDGQWLLRARVVSLAPDQSLLLCVFHHII
VDAASLLLILAELDARLADPPRALPAAAQFLDYAAWERAWMADPARQPLIDYWARRFRALPELVGPLTGRSLAWQPGSKV
DHRFVIPAAQLRRMQAAATRLQTSLFSALLSAFGVALARWSGSERVPVRCVGDLRTSPELANLVGYLVCSDVIEIHAPAK
ADFVSILKASEIESHSAMMLRVPTLMRHPLHRGGSGIEDPRGIAATINMFSVRIPGAGAPLDERADPPWPPQLTRSAGEP
WPIPLPSIYLRLIDYGHALEGSLELNDTLLTAAEQAALIEALFDALDRFLLQAAPAAAPLTTEVL
;
_entity_poly.pdbx_strand_id   A,B
#
loop_
_chem_comp.id
_chem_comp.type
_chem_comp.name
_chem_comp.formula
PO4 non-polymer 'PHOSPHATE ION' 'O4 P -3'
#
# COMPACT_ATOMS: atom_id res chain seq x y z
N PHE A 26 0.70 -3.45 -7.10
CA PHE A 26 -0.49 -3.18 -6.28
C PHE A 26 -1.72 -3.88 -6.83
N GLN A 27 -2.13 -5.00 -6.21
CA GLN A 27 -3.27 -5.78 -6.68
C GLN A 27 -4.19 -6.14 -5.51
N GLY A 28 -5.50 -5.91 -5.72
CA GLY A 28 -6.45 -6.10 -4.65
C GLY A 28 -6.73 -7.56 -4.32
N ILE A 29 -7.31 -7.76 -3.13
CA ILE A 29 -7.58 -9.08 -2.59
C ILE A 29 -8.87 -9.64 -3.17
N ASP A 30 -9.86 -8.78 -3.42
CA ASP A 30 -11.19 -9.18 -3.88
C ASP A 30 -11.49 -8.47 -5.20
N PRO A 31 -10.98 -8.99 -6.32
CA PRO A 31 -11.27 -8.35 -7.62
C PRO A 31 -12.76 -8.24 -7.90
N PHE A 32 -13.60 -9.09 -7.28
CA PHE A 32 -15.02 -9.03 -7.57
C PHE A 32 -15.61 -7.68 -7.16
N THR A 33 -15.03 -7.00 -6.17
CA THR A 33 -15.57 -5.74 -5.70
C THR A 33 -14.66 -4.53 -5.95
N MET A 34 -13.63 -4.67 -6.78
CA MET A 34 -12.87 -3.49 -7.20
C MET A 34 -13.68 -2.66 -8.19
N THR A 35 -13.31 -1.41 -8.39
CA THR A 35 -13.94 -0.66 -9.48
C THR A 35 -13.49 -1.24 -10.83
N ILE A 36 -14.32 -1.05 -11.88
CA ILE A 36 -13.90 -1.45 -13.22
C ILE A 36 -12.58 -0.80 -13.62
N PRO A 37 -12.37 0.51 -13.42
CA PRO A 37 -11.03 1.05 -13.74
C PRO A 37 -9.92 0.30 -13.03
N ALA A 38 -10.08 -0.05 -11.76
CA ALA A 38 -9.00 -0.75 -11.08
C ALA A 38 -8.84 -2.18 -11.62
N LEU A 39 -9.95 -2.85 -11.91
CA LEU A 39 -9.90 -4.19 -12.49
C LEU A 39 -9.15 -4.18 -13.83
N LEU A 40 -9.51 -3.25 -14.71
CA LEU A 40 -8.85 -3.12 -16.00
C LEU A 40 -7.40 -2.77 -15.83
N SER A 41 -7.07 -1.97 -14.80
CA SER A 41 -5.67 -1.66 -14.56
C SER A 41 -4.86 -2.88 -14.14
N GLU A 42 -5.42 -3.70 -13.24
CA GLU A 42 -4.74 -4.92 -12.83
C GLU A 42 -4.51 -5.83 -14.02
N LEU A 43 -5.55 -6.02 -14.85
CA LEU A 43 -5.40 -6.88 -16.02
C LEU A 43 -4.37 -6.34 -17.00
N GLN A 44 -4.34 -5.03 -17.19
CA GLN A 44 -3.36 -4.40 -18.07
C GLN A 44 -1.95 -4.68 -17.59
N ALA A 45 -1.74 -4.63 -16.28
CA ALA A 45 -0.40 -4.90 -15.77
C ALA A 45 0.08 -6.29 -16.20
N ARG A 46 -0.85 -7.20 -16.51
CA ARG A 46 -0.51 -8.53 -16.98
C ARG A 46 -0.59 -8.68 -18.49
N GLY A 47 -0.68 -7.59 -19.23
CA GLY A 47 -0.75 -7.75 -20.67
C GLY A 47 -2.10 -8.27 -21.14
N ILE A 48 -3.15 -8.05 -20.35
CA ILE A 48 -4.50 -8.48 -20.70
C ILE A 48 -5.32 -7.21 -20.94
N THR A 49 -5.78 -7.03 -22.17
CA THR A 49 -6.53 -5.87 -22.59
C THR A 49 -7.91 -6.32 -23.03
N LEU A 50 -8.95 -5.71 -22.47
CA LEU A 50 -10.32 -6.01 -22.83
C LEU A 50 -10.78 -5.01 -23.88
N SER A 51 -11.63 -5.48 -24.78
CA SER A 51 -12.17 -4.62 -25.82
C SER A 51 -13.62 -4.98 -26.09
N LEU A 52 -14.33 -4.02 -26.66
CA LEU A 52 -15.71 -4.20 -27.05
C LEU A 52 -15.77 -3.97 -28.56
N ALA A 53 -16.35 -4.95 -29.28
CA ALA A 53 -16.59 -4.84 -30.72
C ALA A 53 -17.88 -5.56 -31.04
N ASP A 54 -18.81 -4.86 -31.72
CA ASP A 54 -20.10 -5.43 -32.10
C ASP A 54 -20.85 -5.92 -30.88
N GLY A 55 -20.78 -5.16 -29.80
CA GLY A 55 -21.38 -5.55 -28.53
C GLY A 55 -20.74 -6.76 -27.87
N GLU A 56 -19.76 -7.38 -28.53
CA GLU A 56 -19.04 -8.54 -28.00
C GLU A 56 -17.79 -8.12 -27.25
N LEU A 57 -17.66 -8.61 -26.03
CA LEU A 57 -16.52 -8.37 -25.18
C LEU A 57 -15.47 -9.44 -25.50
N SER A 58 -14.25 -9.00 -25.78
CA SER A 58 -13.16 -9.90 -26.10
C SER A 58 -11.91 -9.45 -25.35
N PHE A 59 -10.89 -10.29 -25.38
CA PHE A 59 -9.67 -9.99 -24.63
C PHE A 59 -8.46 -10.37 -25.45
N ARG A 60 -7.41 -9.58 -25.30
CA ARG A 60 -6.10 -9.83 -25.90
C ARG A 60 -5.12 -10.02 -24.76
N ALA A 61 -4.36 -11.11 -24.81
CA ALA A 61 -3.48 -11.49 -23.72
C ALA A 61 -2.50 -12.52 -24.23
N PRO A 62 -1.36 -12.71 -23.54
CA PRO A 62 -0.54 -13.89 -23.82
C PRO A 62 -1.39 -15.14 -23.59
N LYS A 63 -0.95 -16.27 -24.18
CA LYS A 63 -1.87 -17.39 -24.37
C LYS A 63 -2.28 -18.06 -23.07
N GLY A 64 -1.45 -18.02 -22.03
CA GLY A 64 -1.90 -18.63 -20.79
C GLY A 64 -2.24 -17.63 -19.70
N ALA A 65 -2.38 -16.36 -20.06
CA ALA A 65 -2.52 -15.32 -19.04
C ALA A 65 -3.86 -15.39 -18.31
N LEU A 66 -4.97 -15.50 -19.04
CA LEU A 66 -6.27 -15.41 -18.39
C LEU A 66 -6.59 -16.71 -17.65
N THR A 67 -6.67 -16.65 -16.31
CA THR A 67 -6.92 -17.84 -15.52
C THR A 67 -8.41 -18.07 -15.32
N PRO A 68 -8.81 -19.27 -14.89
CA PRO A 68 -10.23 -19.48 -14.56
C PRO A 68 -10.77 -18.48 -13.53
N ALA A 69 -9.99 -18.09 -12.53
CA ALA A 69 -10.49 -17.10 -11.59
C ALA A 69 -10.75 -15.76 -12.28
N ASP A 70 -9.81 -15.32 -13.14
CA ASP A 70 -10.05 -14.13 -13.96
C ASP A 70 -11.35 -14.23 -14.73
N ARG A 71 -11.57 -15.39 -15.38
CA ARG A 71 -12.72 -15.58 -16.24
C ARG A 71 -14.02 -15.52 -15.45
N ALA A 72 -14.02 -16.11 -14.27
CA ALA A 72 -15.22 -16.04 -13.44
C ALA A 72 -15.50 -14.60 -13.04
N THR A 73 -14.45 -13.84 -12.68
CA THR A 73 -14.67 -12.44 -12.34
C THR A 73 -15.24 -11.67 -13.54
N LEU A 74 -14.62 -11.83 -14.71
CA LEU A 74 -15.07 -11.10 -15.89
C LEU A 74 -16.49 -11.47 -16.28
N SER A 75 -16.85 -12.76 -16.18
CA SER A 75 -18.20 -13.18 -16.53
C SER A 75 -19.21 -12.61 -15.55
N ALA A 76 -18.90 -12.65 -14.26
CA ALA A 76 -19.85 -12.12 -13.27
C ALA A 76 -20.02 -10.60 -13.40
N ARG A 77 -19.04 -9.89 -13.94
CA ARG A 77 -19.12 -8.44 -14.03
C ARG A 77 -19.26 -7.97 -15.48
N ARG A 78 -19.76 -8.85 -16.34
CA ARG A 78 -19.78 -8.52 -17.76
C ARG A 78 -20.59 -7.26 -18.06
N GLU A 79 -21.75 -7.06 -17.42
CA GLU A 79 -22.60 -5.92 -17.75
C GLU A 79 -21.88 -4.58 -17.49
N ALA A 80 -21.27 -4.43 -16.32
CA ALA A 80 -20.59 -3.17 -15.99
C ALA A 80 -19.32 -3.00 -16.82
N ILE A 81 -18.64 -4.09 -17.14
CA ILE A 81 -17.46 -4.01 -17.99
C ILE A 81 -17.87 -3.50 -19.36
N VAL A 82 -18.93 -4.07 -19.94
CA VAL A 82 -19.37 -3.60 -21.26
C VAL A 82 -19.85 -2.14 -21.19
N ALA A 83 -20.59 -1.78 -20.14
CA ALA A 83 -21.02 -0.39 -20.05
C ALA A 83 -19.81 0.56 -20.00
N TYR A 84 -18.81 0.20 -19.21
CA TYR A 84 -17.63 1.05 -19.13
C TYR A 84 -16.91 1.14 -20.47
N LEU A 85 -16.76 0.02 -21.16
CA LEU A 85 -16.05 0.11 -22.44
C LEU A 85 -16.86 0.86 -23.47
N ALA A 86 -18.18 0.75 -23.40
CA ALA A 86 -19.01 1.55 -24.30
C ALA A 86 -18.86 3.05 -23.99
N ALA A 87 -18.79 3.42 -22.72
CA ALA A 87 -18.48 4.80 -22.37
C ALA A 87 -17.11 5.21 -22.94
N LYS A 88 -16.10 4.35 -22.77
CA LYS A 88 -14.77 4.67 -23.26
C LYS A 88 -14.74 4.84 -24.78
N ALA A 89 -15.50 4.02 -25.50
CA ALA A 89 -15.56 4.18 -26.95
C ALA A 89 -16.18 5.53 -27.34
N ALA A 90 -17.01 6.11 -26.47
CA ALA A 90 -17.62 7.40 -26.75
C ALA A 90 -16.76 8.59 -26.34
N ARG A 91 -15.53 8.36 -25.92
CA ARG A 91 -14.73 9.41 -25.31
C ARG A 91 -14.23 10.41 -26.36
N ARG A 92 -13.79 11.58 -25.88
CA ARG A 92 -13.10 12.53 -26.75
C ARG A 92 -11.77 11.94 -27.19
N THR A 93 -11.57 11.86 -28.50
CA THR A 93 -10.39 11.25 -29.11
C THR A 93 -9.60 12.32 -29.83
N ASP A 94 -8.29 12.20 -29.79
CA ASP A 94 -7.42 13.06 -30.58
C ASP A 94 -7.37 12.59 -32.03
N PRO A 95 -7.22 13.50 -32.98
CA PRO A 95 -7.11 14.94 -32.73
C PRO A 95 -8.51 15.57 -32.64
N VAL A 96 -8.57 16.65 -31.89
CA VAL A 96 -9.73 17.52 -31.87
C VAL A 96 -9.59 18.45 -33.07
N THR A 97 -10.40 18.25 -34.08
CA THR A 97 -10.26 19.00 -35.34
C THR A 97 -11.33 20.10 -35.37
N ILE A 98 -10.89 21.32 -35.10
CA ILE A 98 -11.78 22.46 -34.94
C ILE A 98 -11.89 23.18 -36.28
N THR A 99 -13.12 23.23 -36.83
CA THR A 99 -13.24 23.90 -38.13
C THR A 99 -13.33 25.42 -37.90
N PRO A 100 -12.54 26.22 -38.63
CA PRO A 100 -12.56 27.67 -38.43
C PRO A 100 -13.81 28.37 -38.97
N SER A 101 -13.97 29.63 -38.54
CA SER A 101 -15.03 30.51 -39.05
C SER A 101 -16.41 29.96 -38.78
N ALA A 102 -16.63 29.41 -37.59
CA ALA A 102 -17.96 28.94 -37.27
C ALA A 102 -18.93 30.09 -37.07
N GLU A 103 -20.21 29.80 -37.17
CA GLU A 103 -21.21 30.82 -36.92
C GLU A 103 -21.22 31.10 -35.42
N LEU A 104 -21.53 32.34 -35.08
CA LEU A 104 -21.47 32.84 -33.71
C LEU A 104 -22.75 32.54 -32.94
N ARG A 105 -22.62 31.80 -31.85
CA ARG A 105 -23.72 31.58 -30.92
C ARG A 105 -23.14 31.26 -29.56
N PRO A 106 -23.94 31.34 -28.48
CA PRO A 106 -23.37 31.07 -27.14
C PRO A 106 -22.92 29.62 -27.03
N SER A 107 -21.88 29.41 -26.25
CA SER A 107 -21.38 28.06 -26.01
C SER A 107 -22.31 27.37 -25.02
N LEU A 108 -22.19 26.03 -24.94
CA LEU A 108 -22.97 25.31 -23.94
C LEU A 108 -22.70 25.83 -22.53
N LEU A 109 -21.42 26.10 -22.22
CA LEU A 109 -21.06 26.54 -20.87
C LEU A 109 -21.54 27.95 -20.60
N GLN A 110 -21.55 28.82 -21.61
CA GLN A 110 -22.07 30.18 -21.43
C GLN A 110 -23.54 30.16 -21.07
N GLU A 111 -24.31 29.29 -21.71
CA GLU A 111 -25.71 29.13 -21.38
C GLU A 111 -25.88 28.66 -19.94
N LEU A 112 -25.11 27.63 -19.53
CA LEU A 112 -25.18 27.15 -18.14
C LEU A 112 -24.89 28.26 -17.14
N TRP A 113 -23.80 29.00 -17.37
CA TRP A 113 -23.41 30.10 -16.48
C TRP A 113 -24.52 31.14 -16.39
N TRP A 114 -24.93 31.66 -17.56
CA TRP A 114 -25.95 32.71 -17.63
C TRP A 114 -27.21 32.30 -16.90
N HIS A 115 -27.70 31.10 -17.18
CA HIS A 115 -28.98 30.71 -16.62
C HIS A 115 -28.85 30.37 -15.15
N TRP A 116 -27.69 29.91 -14.71
CA TRP A 116 -27.57 29.58 -13.30
C TRP A 116 -27.41 30.84 -12.44
N TYR A 117 -26.40 31.66 -12.75
CA TYR A 117 -26.03 32.73 -11.84
C TYR A 117 -26.95 33.94 -11.96
N GLY A 118 -27.56 34.13 -13.14
CA GLY A 118 -28.44 35.27 -13.30
C GLY A 118 -27.67 36.58 -13.28
N LEU A 119 -28.43 37.66 -13.04
CA LEU A 119 -27.93 39.03 -13.04
C LEU A 119 -28.30 39.70 -11.72
N PRO A 120 -27.78 39.21 -10.61
CA PRO A 120 -28.11 39.80 -9.31
C PRO A 120 -27.61 41.23 -9.25
N PRO A 121 -28.18 42.07 -8.39
CA PRO A 121 -27.71 43.47 -8.31
C PRO A 121 -26.24 43.58 -7.92
N ARG A 122 -25.75 42.71 -7.03
CA ARG A 122 -24.33 42.58 -6.78
C ARG A 122 -23.90 41.20 -7.27
N GLN A 123 -22.91 41.16 -8.18
CA GLN A 123 -22.46 39.85 -8.66
C GLN A 123 -21.59 39.15 -7.60
N LEU A 124 -21.41 37.84 -7.76
CA LEU A 124 -20.42 37.16 -6.93
C LEU A 124 -19.02 37.55 -7.37
N ASN A 125 -18.10 37.70 -6.41
CA ASN A 125 -16.75 38.17 -6.74
C ASN A 125 -16.04 37.27 -7.76
N GLN A 126 -16.30 35.97 -7.73
CA GLN A 126 -15.62 35.06 -8.67
C GLN A 126 -15.97 35.35 -10.13
N GLU A 127 -16.93 36.24 -10.42
CA GLU A 127 -17.13 36.66 -11.81
C GLU A 127 -15.96 37.48 -12.38
N ARG A 128 -15.12 38.03 -11.54
CA ARG A 128 -14.06 38.93 -11.99
C ARG A 128 -12.70 38.27 -11.80
N LEU A 129 -11.89 38.28 -12.87
CA LEU A 129 -10.52 37.78 -12.84
C LEU A 129 -9.60 38.95 -13.11
N PRO A 130 -8.82 39.39 -12.14
CA PRO A 130 -7.94 40.55 -12.36
C PRO A 130 -6.59 40.17 -12.97
N LEU A 131 -6.01 41.13 -13.65
CA LEU A 131 -4.67 41.08 -14.18
C LEU A 131 -3.97 42.35 -13.72
N VAL A 132 -2.79 42.19 -13.14
CA VAL A 132 -1.96 43.29 -12.62
C VAL A 132 -0.54 43.00 -13.10
N LYS A 133 0.01 43.85 -13.95
CA LYS A 133 1.37 43.60 -14.41
C LYS A 133 2.13 44.89 -14.68
N LEU A 134 3.29 45.03 -14.05
CA LEU A 134 4.19 46.15 -14.33
C LEU A 134 5.02 45.86 -15.56
N PHE A 135 5.16 46.84 -16.44
CA PHE A 135 5.96 46.73 -17.67
C PHE A 135 7.03 47.81 -17.61
N PRO A 136 8.13 47.57 -16.88
CA PRO A 136 9.19 48.58 -16.81
C PRO A 136 9.78 48.83 -18.19
N GLY A 137 10.07 50.09 -18.47
CA GLY A 137 10.64 50.49 -19.74
C GLY A 137 9.63 50.68 -20.86
N VAL A 138 8.36 50.37 -20.66
CA VAL A 138 7.35 50.38 -21.72
C VAL A 138 6.38 51.53 -21.51
N THR A 139 6.15 52.31 -22.57
CA THR A 139 5.22 53.44 -22.49
C THR A 139 3.79 52.92 -22.43
N ALA A 140 2.89 53.78 -21.94
CA ALA A 140 1.49 53.38 -21.79
C ALA A 140 0.84 53.05 -23.13
N GLY A 141 1.16 53.80 -24.17
CA GLY A 141 0.60 53.55 -25.49
C GLY A 141 1.04 52.21 -26.04
N ARG A 142 2.28 51.82 -25.78
CA ARG A 142 2.71 50.50 -26.23
C ARG A 142 1.98 49.38 -25.49
N VAL A 143 1.78 49.53 -24.16
CA VAL A 143 1.02 48.53 -23.40
C VAL A 143 -0.42 48.43 -23.91
N ALA A 144 -1.07 49.59 -24.06
CA ALA A 144 -2.45 49.62 -24.55
C ALA A 144 -2.55 49.03 -25.95
N GLU A 145 -1.59 49.32 -26.83
CA GLU A 145 -1.62 48.76 -28.16
C GLU A 145 -1.55 47.23 -28.12
N ALA A 146 -0.65 46.68 -27.27
CA ALA A 146 -0.55 45.23 -27.16
C ALA A 146 -1.83 44.60 -26.60
N LEU A 147 -2.38 45.22 -25.54
CA LEU A 147 -3.59 44.67 -24.94
C LEU A 147 -4.74 44.70 -25.92
N ARG A 148 -4.92 45.84 -26.61
CA ARG A 148 -5.99 45.90 -27.60
C ARG A 148 -5.80 44.87 -28.70
N ALA A 149 -4.58 44.61 -29.10
CA ALA A 149 -4.36 43.60 -30.15
C ALA A 149 -4.72 42.20 -29.67
N ILE A 150 -4.40 41.88 -28.40
CA ILE A 150 -4.86 40.62 -27.84
C ILE A 150 -6.38 40.52 -27.91
N VAL A 151 -7.07 41.62 -27.56
CA VAL A 151 -8.53 41.63 -27.61
C VAL A 151 -9.03 41.50 -29.05
N ALA A 152 -8.30 42.05 -30.03
CA ALA A 152 -8.69 41.98 -31.43
C ALA A 152 -8.48 40.60 -31.98
N ARG A 153 -7.57 39.83 -31.39
CA ARG A 153 -7.15 38.54 -31.93
C ARG A 153 -8.02 37.36 -31.46
N HIS A 154 -8.34 37.33 -30.18
CA HIS A 154 -9.07 36.23 -29.57
C HIS A 154 -10.51 36.70 -29.40
N HIS A 155 -11.35 36.36 -30.37
CA HIS A 155 -12.63 37.07 -30.54
C HIS A 155 -13.58 36.88 -29.37
N THR A 156 -13.51 35.74 -28.68
CA THR A 156 -14.39 35.53 -27.53
C THR A 156 -14.21 36.59 -26.46
N LEU A 157 -13.05 37.24 -26.44
CA LEU A 157 -12.82 38.32 -25.48
C LEU A 157 -13.78 39.48 -25.68
N ARG A 158 -14.30 39.66 -26.91
CA ARG A 158 -15.21 40.75 -27.24
C ARG A 158 -16.69 40.38 -27.13
N SER A 159 -17.00 39.23 -26.54
CA SER A 159 -18.39 38.79 -26.39
C SER A 159 -19.21 39.75 -25.51
N SER A 160 -20.50 39.83 -25.82
CA SER A 160 -21.50 40.60 -25.10
C SER A 160 -22.82 39.85 -25.23
N PHE A 161 -23.57 39.74 -24.14
CA PHE A 161 -24.74 38.88 -24.09
C PHE A 161 -26.03 39.66 -23.97
N HIS A 162 -27.07 39.13 -24.61
CA HIS A 162 -28.40 39.70 -24.38
C HIS A 162 -29.41 38.61 -24.69
N GLU A 163 -30.68 38.90 -24.44
CA GLU A 163 -31.73 37.93 -24.68
C GLU A 163 -32.64 38.41 -25.79
N GLU A 164 -33.03 37.50 -26.69
CA GLU A 164 -34.03 37.73 -27.74
C GLU A 164 -35.19 36.79 -27.45
N ASP A 165 -36.33 37.34 -27.02
CA ASP A 165 -37.47 36.53 -26.62
C ASP A 165 -37.02 35.42 -25.68
N GLY A 166 -36.22 35.81 -24.69
CA GLY A 166 -35.72 34.86 -23.70
C GLY A 166 -34.56 33.97 -24.11
N ARG A 167 -34.12 33.98 -25.38
CA ARG A 167 -33.01 33.13 -25.82
C ARG A 167 -31.70 33.90 -25.68
N LEU A 168 -30.72 33.29 -24.99
CA LEU A 168 -29.41 33.90 -24.85
C LEU A 168 -28.79 34.12 -26.23
N THR A 169 -28.28 35.31 -26.44
CA THR A 169 -27.70 35.71 -27.72
C THR A 169 -26.34 36.34 -27.42
N VAL A 170 -25.37 36.12 -28.33
CA VAL A 170 -24.04 36.70 -28.15
C VAL A 170 -23.69 37.53 -29.38
N THR A 171 -23.08 38.71 -29.17
CA THR A 171 -22.54 39.55 -30.23
C THR A 171 -21.10 39.91 -29.87
N LEU A 172 -20.36 40.46 -30.83
CA LEU A 172 -18.98 40.84 -30.56
C LEU A 172 -18.82 42.36 -30.60
N ASN A 173 -18.21 42.93 -29.55
CA ASN A 173 -17.75 44.31 -29.61
C ASN A 173 -16.61 44.40 -30.61
N GLU A 174 -16.36 45.63 -31.07
CA GLU A 174 -15.19 45.94 -31.88
C GLU A 174 -14.00 46.27 -30.98
N ALA A 175 -12.83 45.71 -31.28
CA ALA A 175 -11.67 45.99 -30.45
C ALA A 175 -11.27 47.46 -30.51
N ALA A 176 -11.48 48.12 -31.67
CA ALA A 176 -11.15 49.52 -31.81
C ALA A 176 -11.93 50.37 -30.82
N ALA A 177 -13.11 49.89 -30.41
CA ALA A 177 -14.02 50.60 -29.54
C ALA A 177 -13.78 50.32 -28.07
N LEU A 178 -12.81 49.46 -27.71
CA LEU A 178 -12.53 49.19 -26.28
C LEU A 178 -11.98 50.45 -25.63
N PRO A 179 -12.65 51.02 -24.65
CA PRO A 179 -12.12 52.24 -24.03
C PRO A 179 -11.10 51.94 -22.94
N ILE A 180 -9.83 51.97 -23.30
CA ILE A 180 -8.71 51.76 -22.37
C ILE A 180 -8.47 53.08 -21.66
N GLU A 181 -8.50 53.04 -20.31
CA GLU A 181 -8.30 54.24 -19.51
C GLU A 181 -6.82 54.43 -19.19
N PHE A 182 -6.36 55.69 -19.19
CA PHE A 182 -5.01 56.08 -18.83
C PHE A 182 -5.13 56.97 -17.60
N VAL A 183 -4.41 56.65 -16.54
CA VAL A 183 -4.28 57.46 -15.36
C VAL A 183 -2.80 57.51 -15.02
N GLU A 184 -2.45 58.28 -13.99
CA GLU A 184 -1.06 58.42 -13.61
C GLU A 184 -0.92 58.08 -12.14
N ALA A 185 0.31 57.72 -11.78
CA ALA A 185 0.69 57.65 -10.37
C ALA A 185 2.04 58.32 -10.27
N ASP A 186 2.32 58.84 -9.08
CA ASP A 186 3.56 59.59 -8.88
C ASP A 186 4.68 58.60 -8.67
N GLY A 187 5.38 58.29 -9.77
CA GLY A 187 6.43 57.30 -9.74
C GLY A 187 7.63 57.71 -8.90
N THR A 188 7.77 59.00 -8.56
CA THR A 188 8.90 59.44 -7.75
C THR A 188 8.67 59.30 -6.25
N LEU A 189 7.46 58.93 -5.82
CA LEU A 189 7.22 58.76 -4.41
C LEU A 189 8.12 57.66 -3.84
N PRO A 190 8.45 57.72 -2.55
CA PRO A 190 9.25 56.65 -1.94
C PRO A 190 8.52 55.32 -2.03
N ARG A 191 9.30 54.25 -2.17
CA ARG A 191 8.77 52.89 -2.30
C ARG A 191 7.66 52.61 -1.30
N GLU A 192 7.80 53.06 -0.06
CA GLU A 192 6.81 52.73 0.95
C GLU A 192 5.58 53.62 0.87
N GLU A 193 5.62 54.70 0.09
CA GLU A 193 4.40 55.42 -0.26
C GLU A 193 3.83 54.92 -1.60
N LEU A 194 4.71 54.58 -2.55
CA LEU A 194 4.26 54.23 -3.89
C LEU A 194 3.63 52.84 -3.94
N GLU A 195 4.26 51.85 -3.32
CA GLU A 195 3.72 50.50 -3.39
C GLU A 195 2.33 50.37 -2.77
N PRO A 196 2.06 50.88 -1.57
CA PRO A 196 0.67 50.84 -1.08
C PRO A 196 -0.32 51.59 -1.95
N ALA A 197 0.09 52.73 -2.52
CA ALA A 197 -0.81 53.48 -3.39
C ALA A 197 -1.19 52.67 -4.62
N LEU A 198 -0.21 52.01 -5.25
CA LEU A 198 -0.48 51.21 -6.45
C LEU A 198 -1.34 50.00 -6.11
N LYS A 199 -1.08 49.37 -4.97
CA LYS A 199 -1.89 48.24 -4.55
C LYS A 199 -3.34 48.65 -4.30
N ALA A 200 -3.56 49.84 -3.74
CA ALA A 200 -4.92 50.32 -3.53
C ALA A 200 -5.60 50.66 -4.85
N GLN A 201 -4.89 51.27 -5.78
CA GLN A 201 -5.45 51.48 -7.10
C GLN A 201 -5.91 50.16 -7.70
N ALA A 202 -5.05 49.13 -7.64
CA ALA A 202 -5.42 47.84 -8.22
C ALA A 202 -6.63 47.23 -7.52
N ALA A 203 -6.66 47.30 -6.19
CA ALA A 203 -7.76 46.71 -5.45
C ALA A 203 -9.08 47.40 -5.75
N GLU A 204 -9.09 48.73 -5.73
CA GLU A 204 -10.29 49.47 -6.11
C GLU A 204 -10.73 49.14 -7.53
N TYR A 205 -9.80 49.08 -8.47
CA TYR A 205 -10.17 48.77 -9.84
C TYR A 205 -10.79 47.38 -9.94
N ALA A 206 -10.23 46.39 -9.24
CA ALA A 206 -10.70 45.01 -9.35
C ALA A 206 -12.02 44.80 -8.64
N ALA A 207 -12.40 45.72 -7.73
CA ALA A 207 -13.60 45.54 -6.93
C ALA A 207 -14.85 46.05 -7.63
N ARG A 208 -14.72 46.89 -8.66
CA ARG A 208 -15.90 47.43 -9.34
C ARG A 208 -16.67 46.32 -10.02
N GLN A 209 -17.99 46.48 -10.11
CA GLN A 209 -18.79 45.46 -10.82
C GLN A 209 -18.38 45.39 -12.27
N LEU A 210 -18.38 44.16 -12.80
CA LEU A 210 -18.20 43.94 -14.24
C LEU A 210 -19.39 43.09 -14.66
N PRO A 211 -20.57 43.70 -14.82
CA PRO A 211 -21.81 42.91 -14.91
C PRO A 211 -21.80 41.94 -16.08
N LEU A 212 -22.38 40.76 -15.84
CA LEU A 212 -22.45 39.73 -16.87
C LEU A 212 -23.19 40.20 -18.10
N ASP A 213 -24.13 41.13 -17.95
CA ASP A 213 -24.87 41.66 -19.08
C ASP A 213 -24.34 43.00 -19.59
N GLY A 214 -23.19 43.44 -19.10
CA GLY A 214 -22.60 44.69 -19.53
C GLY A 214 -22.19 44.63 -20.99
N GLN A 215 -21.91 45.82 -21.52
CA GLN A 215 -21.50 45.95 -22.93
C GLN A 215 -20.22 45.21 -23.18
N TRP A 216 -19.19 45.48 -22.36
CA TRP A 216 -17.91 44.78 -22.39
C TRP A 216 -17.80 43.81 -21.21
N LEU A 217 -17.18 42.66 -21.45
CA LEU A 217 -16.88 41.68 -20.42
C LEU A 217 -15.40 41.73 -20.03
N LEU A 218 -14.75 42.86 -20.26
CA LEU A 218 -13.44 43.12 -19.68
C LEU A 218 -13.30 44.65 -19.58
N ARG A 219 -12.33 45.09 -18.77
CA ARG A 219 -11.97 46.50 -18.79
C ARG A 219 -10.46 46.58 -18.56
N ALA A 220 -9.86 47.64 -19.08
CA ALA A 220 -8.42 47.75 -19.05
C ALA A 220 -8.06 49.19 -18.71
N ARG A 221 -7.05 49.36 -17.90
CA ARG A 221 -6.57 50.68 -17.52
C ARG A 221 -5.05 50.62 -17.36
N VAL A 222 -4.33 51.62 -17.90
CA VAL A 222 -2.88 51.71 -17.76
C VAL A 222 -2.56 52.84 -16.77
N VAL A 223 -1.76 52.52 -15.75
CA VAL A 223 -1.27 53.51 -14.79
C VAL A 223 0.13 53.89 -15.19
N SER A 224 0.32 55.14 -15.55
CA SER A 224 1.64 55.63 -15.90
C SER A 224 2.37 56.01 -14.63
N LEU A 225 3.37 55.22 -14.24
CA LEU A 225 4.24 55.66 -13.15
C LEU A 225 5.21 56.69 -13.64
N ALA A 226 5.49 56.66 -14.93
CA ALA A 226 6.37 57.60 -15.60
C ALA A 226 6.18 57.38 -17.10
N PRO A 227 6.63 58.30 -17.94
CA PRO A 227 6.42 58.10 -19.39
C PRO A 227 6.79 56.70 -19.91
N ASP A 228 7.77 56.03 -19.32
CA ASP A 228 8.19 54.70 -19.74
C ASP A 228 8.13 53.70 -18.60
N GLN A 229 7.25 53.93 -17.62
CA GLN A 229 6.97 52.91 -16.61
C GLN A 229 5.47 52.83 -16.49
N SER A 230 4.91 51.67 -16.84
CA SER A 230 3.48 51.46 -16.96
C SER A 230 3.06 50.26 -16.15
N LEU A 231 1.92 50.38 -15.49
CA LEU A 231 1.32 49.28 -14.76
C LEU A 231 -0.01 48.98 -15.44
N LEU A 232 -0.20 47.74 -15.90
CA LEU A 232 -1.42 47.37 -16.58
C LEU A 232 -2.40 46.77 -15.57
N LEU A 233 -3.63 47.28 -15.58
CA LEU A 233 -4.70 46.72 -14.78
C LEU A 233 -5.83 46.28 -15.70
N CYS A 234 -6.12 44.98 -15.73
CA CYS A 234 -7.30 44.50 -16.44
C CYS A 234 -8.18 43.72 -15.50
N VAL A 235 -9.45 43.62 -15.86
CA VAL A 235 -10.40 42.72 -15.22
C VAL A 235 -11.17 42.03 -16.35
N PHE A 236 -11.20 40.71 -16.33
CA PHE A 236 -11.92 39.90 -17.29
C PHE A 236 -13.06 39.18 -16.61
N HIS A 237 -14.18 39.02 -17.32
CA HIS A 237 -15.27 38.24 -16.76
C HIS A 237 -14.96 36.75 -16.88
N HIS A 238 -15.13 36.03 -15.78
CA HIS A 238 -14.81 34.62 -15.73
C HIS A 238 -15.66 33.76 -16.69
N ILE A 239 -16.84 34.23 -17.13
CA ILE A 239 -17.60 33.42 -18.08
C ILE A 239 -16.82 33.25 -19.39
N ILE A 240 -15.92 34.20 -19.69
CA ILE A 240 -15.17 34.22 -20.93
C ILE A 240 -13.72 33.76 -20.77
N VAL A 241 -13.10 33.97 -19.60
CA VAL A 241 -11.66 33.77 -19.40
C VAL A 241 -11.51 32.88 -18.17
N ASP A 242 -10.72 31.80 -18.28
CA ASP A 242 -10.32 31.02 -17.12
C ASP A 242 -8.91 31.44 -16.70
N ALA A 243 -8.45 30.89 -15.57
CA ALA A 243 -7.15 31.28 -15.01
C ALA A 243 -5.99 30.93 -15.96
N ALA A 244 -6.07 29.76 -16.60
CA ALA A 244 -5.06 29.40 -17.60
C ALA A 244 -5.00 30.45 -18.72
N SER A 245 -6.17 30.98 -19.12
CA SER A 245 -6.18 32.02 -20.14
C SER A 245 -5.60 33.32 -19.61
N LEU A 246 -5.77 33.63 -18.32
CA LEU A 246 -5.09 34.79 -17.78
C LEU A 246 -3.57 34.67 -17.95
N LEU A 247 -3.03 33.49 -17.67
CA LEU A 247 -1.59 33.27 -17.89
C LEU A 247 -1.23 33.39 -19.37
N LEU A 248 -2.06 32.86 -20.25
CA LEU A 248 -1.82 32.98 -21.70
C LEU A 248 -1.77 34.45 -22.11
N ILE A 249 -2.70 35.26 -21.58
CA ILE A 249 -2.72 36.67 -21.94
C ILE A 249 -1.46 37.38 -21.41
N LEU A 250 -1.05 37.07 -20.18
CA LEU A 250 0.20 37.67 -19.68
C LEU A 250 1.39 37.25 -20.55
N ALA A 251 1.46 35.98 -20.93
CA ALA A 251 2.57 35.54 -21.77
C ALA A 251 2.54 36.26 -23.13
N GLU A 252 1.35 36.43 -23.72
CA GLU A 252 1.26 37.10 -25.01
C GLU A 252 1.65 38.57 -24.89
N LEU A 253 1.25 39.23 -23.78
CA LEU A 253 1.70 40.59 -23.58
C LEU A 253 3.22 40.65 -23.53
N ASP A 254 3.84 39.74 -22.78
CA ASP A 254 5.29 39.74 -22.72
C ASP A 254 5.88 39.58 -24.12
N ALA A 255 5.32 38.66 -24.91
CA ALA A 255 5.86 38.40 -26.23
C ALA A 255 5.71 39.62 -27.14
N ARG A 256 4.55 40.29 -27.08
CA ARG A 256 4.24 41.44 -27.91
C ARG A 256 5.09 42.64 -27.53
N LEU A 257 5.46 42.77 -26.25
CA LEU A 257 6.22 43.94 -25.80
C LEU A 257 7.72 43.70 -25.70
N ALA A 258 8.17 42.48 -25.98
CA ALA A 258 9.60 42.18 -25.96
C ALA A 258 10.30 42.88 -27.10
N ASP A 259 11.61 43.01 -26.96
CA ASP A 259 12.45 43.61 -27.99
C ASP A 259 13.60 42.67 -28.27
N PRO A 260 13.64 42.00 -29.42
CA PRO A 260 12.60 42.10 -30.46
C PRO A 260 11.33 41.35 -30.07
N PRO A 261 10.18 41.66 -30.70
CA PRO A 261 8.95 40.92 -30.39
C PRO A 261 9.07 39.45 -30.75
N ARG A 262 8.50 38.58 -29.91
CA ARG A 262 8.54 37.15 -30.20
C ARG A 262 7.34 36.72 -31.06
N ALA A 263 7.54 35.64 -31.82
CA ALA A 263 6.46 35.09 -32.64
C ALA A 263 5.29 34.71 -31.75
N LEU A 264 4.12 34.85 -32.28
CA LEU A 264 3.07 34.50 -31.33
C LEU A 264 2.61 33.06 -31.57
N PRO A 265 2.59 32.20 -30.56
CA PRO A 265 2.18 30.82 -30.79
C PRO A 265 0.77 30.77 -31.37
N ALA A 266 0.59 29.88 -32.34
CA ALA A 266 -0.69 29.72 -32.99
C ALA A 266 -1.77 29.33 -31.97
N ALA A 267 -2.98 29.85 -32.18
CA ALA A 267 -4.08 29.58 -31.27
C ALA A 267 -5.34 29.40 -32.09
N ALA A 268 -6.08 28.35 -31.80
CA ALA A 268 -7.43 28.25 -32.32
C ALA A 268 -8.33 29.28 -31.62
N GLN A 269 -9.51 29.49 -32.18
CA GLN A 269 -10.47 30.42 -31.61
C GLN A 269 -11.45 29.68 -30.72
N PHE A 270 -11.72 30.22 -29.55
CA PHE A 270 -12.76 29.63 -28.71
C PHE A 270 -14.11 29.60 -29.44
N LEU A 271 -14.44 30.61 -30.27
CA LEU A 271 -15.75 30.58 -30.93
C LEU A 271 -15.92 29.32 -31.79
N ASP A 272 -14.84 28.93 -32.46
CA ASP A 272 -14.89 27.70 -33.26
C ASP A 272 -14.92 26.44 -32.38
N TYR A 273 -14.12 26.43 -31.31
CA TYR A 273 -14.19 25.32 -30.36
C TYR A 273 -15.61 25.16 -29.85
N ALA A 274 -16.32 26.26 -29.59
CA ALA A 274 -17.67 26.18 -29.05
C ALA A 274 -18.60 25.48 -30.03
N ALA A 275 -18.47 25.80 -31.32
CA ALA A 275 -19.29 25.04 -32.28
C ALA A 275 -18.89 23.56 -32.36
N TRP A 276 -17.57 23.28 -32.35
CA TRP A 276 -17.11 21.89 -32.33
C TRP A 276 -17.71 21.16 -31.13
N GLU A 277 -17.69 21.79 -29.96
CA GLU A 277 -18.14 21.14 -28.73
C GLU A 277 -19.64 20.91 -28.74
N ARG A 278 -20.42 21.89 -29.24
CA ARG A 278 -21.86 21.67 -29.35
C ARG A 278 -22.19 20.51 -30.27
N ALA A 279 -21.54 20.42 -31.44
CA ALA A 279 -21.79 19.25 -32.28
C ALA A 279 -21.33 17.95 -31.59
N TRP A 280 -20.16 17.97 -30.95
CA TRP A 280 -19.67 16.78 -30.24
C TRP A 280 -20.64 16.32 -29.17
N MET A 281 -21.24 17.26 -28.43
CA MET A 281 -22.20 16.91 -27.39
C MET A 281 -23.53 16.47 -27.97
N ALA A 282 -23.91 16.96 -29.15
CA ALA A 282 -25.20 16.52 -29.73
C ALA A 282 -25.12 15.17 -30.46
N ASP A 283 -23.94 14.63 -30.66
CA ASP A 283 -23.81 13.36 -31.35
C ASP A 283 -24.39 12.21 -30.51
N PRO A 284 -25.33 11.41 -31.06
CA PRO A 284 -25.87 10.26 -30.29
C PRO A 284 -24.80 9.30 -29.84
N ALA A 285 -23.63 9.28 -30.49
CA ALA A 285 -22.55 8.41 -30.00
C ALA A 285 -22.14 8.73 -28.56
N ARG A 286 -22.46 9.93 -28.06
CA ARG A 286 -22.10 10.27 -26.70
C ARG A 286 -22.91 9.51 -25.67
N GLN A 287 -24.07 8.95 -26.03
CA GLN A 287 -25.00 8.47 -24.99
C GLN A 287 -24.42 7.45 -24.01
N PRO A 288 -23.64 6.45 -24.40
CA PRO A 288 -23.07 5.55 -23.36
C PRO A 288 -22.22 6.28 -22.34
N LEU A 289 -21.51 7.32 -22.77
CA LEU A 289 -20.65 8.06 -21.84
C LEU A 289 -21.49 8.83 -20.82
N ILE A 290 -22.47 9.61 -21.30
CA ILE A 290 -23.46 10.25 -20.43
C ILE A 290 -24.04 9.22 -19.48
N ASP A 291 -24.42 8.06 -20.04
CA ASP A 291 -25.14 7.04 -19.27
C ASP A 291 -24.28 6.58 -18.12
N TYR A 292 -23.01 6.31 -18.42
CA TYR A 292 -22.05 5.88 -17.42
C TYR A 292 -22.00 6.90 -16.28
N TRP A 293 -21.79 8.18 -16.62
CA TRP A 293 -21.63 9.14 -15.52
C TRP A 293 -22.92 9.32 -14.75
N ALA A 294 -24.07 9.32 -15.44
CA ALA A 294 -25.33 9.51 -14.73
C ALA A 294 -25.46 8.40 -13.70
N ARG A 295 -25.14 7.18 -14.10
CA ARG A 295 -25.24 6.05 -13.18
C ARG A 295 -24.24 6.22 -12.03
N ARG A 296 -22.99 6.61 -12.34
CA ARG A 296 -22.03 6.81 -11.24
C ARG A 296 -22.58 7.81 -10.24
N PHE A 297 -23.22 8.86 -10.74
CA PHE A 297 -23.58 9.91 -9.80
C PHE A 297 -24.78 9.52 -8.97
N ARG A 298 -25.68 8.66 -9.48
CA ARG A 298 -26.77 8.22 -8.61
C ARG A 298 -26.23 7.41 -7.43
N ALA A 299 -25.04 6.84 -7.57
CA ALA A 299 -24.47 5.97 -6.56
C ALA A 299 -23.58 6.69 -5.55
N LEU A 300 -23.42 8.02 -5.65
CA LEU A 300 -22.51 8.78 -4.79
C LEU A 300 -23.03 8.79 -3.36
N PRO A 301 -22.17 8.58 -2.37
CA PRO A 301 -22.61 8.71 -0.98
C PRO A 301 -22.81 10.18 -0.62
N GLU A 302 -23.52 10.38 0.46
CA GLU A 302 -23.83 11.71 0.98
C GLU A 302 -22.99 11.93 2.23
N LEU A 303 -22.21 13.01 2.26
CA LEU A 303 -21.46 13.38 3.46
C LEU A 303 -22.26 14.38 4.28
N VAL A 304 -22.14 14.29 5.63
CA VAL A 304 -22.83 15.20 6.53
C VAL A 304 -21.78 15.82 7.44
N GLY A 305 -22.09 16.99 7.99
CA GLY A 305 -21.22 17.59 8.98
C GLY A 305 -21.01 16.68 10.18
N PRO A 306 -19.75 16.48 10.60
CA PRO A 306 -19.50 15.55 11.73
C PRO A 306 -20.06 16.01 13.04
N LEU A 307 -20.27 17.30 13.23
CA LEU A 307 -20.89 17.80 14.45
C LEU A 307 -22.33 18.26 14.26
N THR A 308 -22.76 18.53 13.04
CA THR A 308 -24.14 19.01 12.82
C THR A 308 -25.07 17.91 12.31
N GLY A 309 -24.53 16.91 11.64
CA GLY A 309 -25.34 15.97 10.88
C GLY A 309 -26.01 16.56 9.66
N ARG A 310 -25.73 17.82 9.31
CA ARG A 310 -26.35 18.44 8.14
C ARG A 310 -25.74 17.94 6.83
N SER A 311 -26.60 17.74 5.84
CA SER A 311 -26.13 17.45 4.49
C SER A 311 -25.07 18.46 4.06
N LEU A 312 -23.99 17.99 3.44
CA LEU A 312 -22.98 18.93 2.97
C LEU A 312 -23.14 19.28 1.48
N ALA A 313 -24.28 18.92 0.88
CA ALA A 313 -24.58 19.42 -0.46
C ALA A 313 -24.61 20.95 -0.45
N TRP A 314 -24.36 21.56 -1.62
CA TRP A 314 -24.27 23.02 -1.69
C TRP A 314 -25.56 23.68 -1.24
N GLN A 315 -25.45 24.73 -0.43
CA GLN A 315 -26.57 25.49 0.09
C GLN A 315 -26.15 26.96 0.11
N PRO A 316 -27.10 27.89 0.13
CA PRO A 316 -26.73 29.31 0.31
C PRO A 316 -25.95 29.48 1.59
N GLY A 317 -25.23 30.59 1.69
CA GLY A 317 -24.49 30.81 2.92
C GLY A 317 -23.47 31.91 2.79
N SER A 318 -22.40 31.77 3.55
CA SER A 318 -21.36 32.80 3.60
C SER A 318 -20.00 32.16 3.31
N LYS A 319 -19.36 32.62 2.22
CA LYS A 319 -18.10 32.05 1.75
C LYS A 319 -16.93 32.67 2.48
N VAL A 320 -16.20 31.88 3.25
CA VAL A 320 -15.04 32.35 3.99
C VAL A 320 -13.81 31.60 3.51
N ASP A 321 -12.78 32.36 3.16
CA ASP A 321 -11.55 31.82 2.58
C ASP A 321 -10.48 31.75 3.67
N HIS A 322 -9.85 30.60 3.81
CA HIS A 322 -8.79 30.38 4.76
C HIS A 322 -7.52 30.21 3.97
N ARG A 323 -6.69 31.24 3.93
CA ARG A 323 -5.53 31.24 3.06
C ARG A 323 -4.26 30.91 3.84
N PHE A 324 -3.32 30.28 3.14
CA PHE A 324 -2.06 29.88 3.76
C PHE A 324 -1.02 29.68 2.66
N VAL A 325 0.24 29.72 3.04
CA VAL A 325 1.30 29.52 2.06
C VAL A 325 2.28 28.51 2.58
N ILE A 326 2.52 27.46 1.80
CA ILE A 326 3.54 26.47 2.11
C ILE A 326 4.84 26.92 1.45
N PRO A 327 5.85 27.26 2.24
CA PRO A 327 7.08 27.86 1.72
C PRO A 327 8.01 26.81 1.13
N ALA A 328 9.15 27.28 0.65
CA ALA A 328 10.00 26.49 -0.25
C ALA A 328 10.49 25.19 0.37
N ALA A 329 10.99 25.23 1.60
CA ALA A 329 11.60 24.02 2.17
C ALA A 329 10.56 22.91 2.34
N GLN A 330 9.36 23.27 2.80
CA GLN A 330 8.32 22.26 2.96
C GLN A 330 7.79 21.78 1.62
N LEU A 331 7.67 22.67 0.64
CA LEU A 331 7.23 22.28 -0.69
C LEU A 331 8.21 21.32 -1.35
N ARG A 332 9.52 21.54 -1.16
CA ARG A 332 10.52 20.61 -1.67
C ARG A 332 10.36 19.25 -1.01
N ARG A 333 10.14 19.23 0.31
CA ARG A 333 9.88 17.94 0.95
C ARG A 333 8.62 17.26 0.38
N MET A 334 7.56 18.03 0.12
CA MET A 334 6.35 17.43 -0.45
C MET A 334 6.63 16.86 -1.85
N GLN A 335 7.42 17.57 -2.64
CA GLN A 335 7.75 17.10 -3.98
C GLN A 335 8.66 15.87 -3.92
N ALA A 336 9.58 15.82 -2.95
CA ALA A 336 10.40 14.60 -2.81
C ALA A 336 9.55 13.42 -2.38
N ALA A 337 8.58 13.64 -1.49
CA ALA A 337 7.67 12.56 -1.12
C ALA A 337 6.87 12.04 -2.32
N ALA A 338 6.40 12.95 -3.20
CA ALA A 338 5.67 12.50 -4.37
C ALA A 338 6.58 11.72 -5.33
N THR A 339 7.83 12.17 -5.50
CA THR A 339 8.79 11.40 -6.29
C THR A 339 8.99 10.02 -5.67
N ARG A 340 9.14 9.96 -4.35
CA ARG A 340 9.39 8.65 -3.75
C ARG A 340 8.17 7.73 -3.91
N LEU A 341 6.97 8.27 -3.95
CA LEU A 341 5.78 7.48 -4.19
C LEU A 341 5.49 7.30 -5.66
N GLN A 342 6.38 7.77 -6.53
CA GLN A 342 6.28 7.62 -7.97
C GLN A 342 4.96 8.19 -8.49
N THR A 343 4.66 9.43 -8.09
CA THR A 343 3.39 10.07 -8.45
C THR A 343 3.63 11.57 -8.61
N SER A 344 2.62 12.25 -9.13
CA SER A 344 2.65 13.70 -9.23
C SER A 344 2.37 14.34 -7.88
N LEU A 345 2.82 15.58 -7.72
CA LEU A 345 2.48 16.34 -6.52
C LEU A 345 0.97 16.49 -6.41
N PHE A 346 0.29 16.76 -7.54
CA PHE A 346 -1.16 16.89 -7.52
C PHE A 346 -1.84 15.63 -7.00
N SER A 347 -1.41 14.45 -7.49
CA SER A 347 -2.05 13.22 -7.04
C SER A 347 -1.83 13.03 -5.55
N ALA A 348 -0.61 13.31 -5.08
CA ALA A 348 -0.35 13.17 -3.65
C ALA A 348 -1.23 14.10 -2.82
N LEU A 349 -1.38 15.37 -3.27
CA LEU A 349 -2.19 16.34 -2.57
C LEU A 349 -3.66 15.94 -2.57
N LEU A 350 -4.15 15.44 -3.72
CA LEU A 350 -5.52 14.99 -3.77
C LEU A 350 -5.77 13.86 -2.79
N SER A 351 -4.86 12.88 -2.74
CA SER A 351 -5.04 11.78 -1.81
C SER A 351 -4.96 12.24 -0.35
N ALA A 352 -4.07 13.17 -0.06
CA ALA A 352 -4.02 13.72 1.30
C ALA A 352 -5.31 14.46 1.65
N PHE A 353 -5.86 15.22 0.71
CA PHE A 353 -7.14 15.90 0.92
C PHE A 353 -8.24 14.90 1.18
N GLY A 354 -8.26 13.83 0.39
CA GLY A 354 -9.30 12.81 0.56
C GLY A 354 -9.20 12.11 1.91
N VAL A 355 -7.99 11.79 2.33
CA VAL A 355 -7.81 11.17 3.64
C VAL A 355 -8.25 12.13 4.75
N ALA A 356 -7.87 13.41 4.65
CA ALA A 356 -8.34 14.39 5.64
C ALA A 356 -9.86 14.46 5.67
N LEU A 357 -10.50 14.52 4.50
CA LEU A 357 -11.96 14.56 4.48
C LEU A 357 -12.57 13.32 5.13
N ALA A 358 -12.03 12.14 4.84
CA ALA A 358 -12.52 10.89 5.45
C ALA A 358 -12.40 10.93 6.97
N ARG A 359 -11.22 11.27 7.48
CA ARG A 359 -11.01 11.34 8.92
C ARG A 359 -11.87 12.41 9.57
N TRP A 360 -11.97 13.58 8.94
CA TRP A 360 -12.76 14.66 9.51
C TRP A 360 -14.25 14.32 9.55
N SER A 361 -14.75 13.78 8.47
CA SER A 361 -16.17 13.48 8.33
C SER A 361 -16.56 12.17 9.03
N GLY A 362 -15.63 11.22 9.15
CA GLY A 362 -15.98 9.90 9.62
C GLY A 362 -16.48 8.98 8.53
N SER A 363 -16.45 9.42 7.27
CA SER A 363 -16.95 8.62 6.16
C SER A 363 -15.78 8.09 5.35
N GLU A 364 -15.75 6.77 5.16
CA GLU A 364 -14.62 6.18 4.46
C GLU A 364 -14.69 6.37 2.95
N ARG A 365 -15.81 6.81 2.41
CA ARG A 365 -15.95 7.00 0.97
C ARG A 365 -16.15 8.50 0.71
N VAL A 366 -15.19 9.13 0.05
CA VAL A 366 -15.27 10.59 -0.08
C VAL A 366 -15.27 10.95 -1.55
N PRO A 367 -16.38 11.46 -2.10
CA PRO A 367 -16.34 11.98 -3.47
C PRO A 367 -15.63 13.33 -3.48
N VAL A 368 -14.85 13.55 -4.55
CA VAL A 368 -14.09 14.78 -4.74
C VAL A 368 -14.25 15.21 -6.18
N ARG A 369 -14.71 16.44 -6.36
CA ARG A 369 -14.75 17.06 -7.68
C ARG A 369 -13.42 17.75 -7.89
N CYS A 370 -12.66 17.30 -8.89
CA CYS A 370 -11.33 17.83 -9.16
C CYS A 370 -11.44 18.73 -10.38
N VAL A 371 -11.12 20.01 -10.21
CA VAL A 371 -11.25 20.94 -11.33
C VAL A 371 -10.07 20.71 -12.27
N GLY A 372 -10.34 20.62 -13.56
CA GLY A 372 -9.31 20.38 -14.55
C GLY A 372 -9.42 21.32 -15.72
N ASP A 373 -8.60 21.08 -16.72
CA ASP A 373 -8.43 21.96 -17.86
C ASP A 373 -8.53 21.10 -19.12
N LEU A 374 -9.44 21.46 -20.04
CA LEU A 374 -9.64 20.68 -21.27
C LEU A 374 -8.49 20.80 -22.25
N ARG A 375 -7.52 21.69 -21.99
CA ARG A 375 -6.38 21.87 -22.89
C ARG A 375 -5.38 20.75 -22.64
N THR A 376 -5.66 19.58 -23.22
CA THR A 376 -4.76 18.45 -23.02
C THR A 376 -4.21 17.92 -24.33
N SER A 377 -4.42 18.62 -25.42
CA SER A 377 -3.90 18.22 -26.71
C SER A 377 -3.34 19.46 -27.38
N PRO A 378 -2.40 19.30 -28.31
CA PRO A 378 -1.79 20.49 -28.94
C PRO A 378 -2.78 21.34 -29.70
N GLU A 379 -3.90 20.77 -30.17
CA GLU A 379 -4.86 21.59 -30.88
C GLU A 379 -5.46 22.65 -29.97
N LEU A 380 -5.48 22.42 -28.66
CA LEU A 380 -6.11 23.35 -27.74
C LEU A 380 -5.10 24.19 -27.02
N ALA A 381 -3.81 23.96 -27.23
CA ALA A 381 -2.81 24.78 -26.56
C ALA A 381 -2.92 26.22 -27.05
N ASN A 382 -2.73 27.14 -26.13
CA ASN A 382 -2.83 28.57 -26.35
C ASN A 382 -4.24 29.06 -26.69
N LEU A 383 -5.26 28.21 -26.59
CA LEU A 383 -6.63 28.68 -26.85
C LEU A 383 -7.12 29.55 -25.68
N VAL A 384 -7.46 30.80 -25.98
CA VAL A 384 -7.92 31.75 -24.95
C VAL A 384 -9.42 31.58 -24.79
N GLY A 385 -9.86 31.34 -23.56
CA GLY A 385 -11.28 31.16 -23.34
C GLY A 385 -11.52 30.43 -22.04
N TYR A 386 -12.71 29.85 -21.95
CA TYR A 386 -13.16 29.11 -20.78
C TYR A 386 -13.14 27.63 -21.16
N LEU A 387 -12.17 26.88 -20.62
CA LEU A 387 -12.07 25.46 -20.90
C LEU A 387 -11.92 24.67 -19.62
N VAL A 388 -12.63 25.07 -18.57
CA VAL A 388 -12.60 24.41 -17.26
C VAL A 388 -13.45 23.14 -17.32
N CYS A 389 -13.00 22.05 -16.67
CA CYS A 389 -13.81 20.85 -16.63
C CYS A 389 -13.71 20.24 -15.23
N SER A 390 -14.47 19.17 -15.00
CA SER A 390 -14.45 18.47 -13.71
C SER A 390 -14.11 17.00 -13.95
N ASP A 391 -13.29 16.45 -13.07
CA ASP A 391 -13.05 15.02 -12.94
C ASP A 391 -13.56 14.61 -11.57
N VAL A 392 -14.59 13.78 -11.54
CA VAL A 392 -15.17 13.33 -10.26
C VAL A 392 -14.56 11.99 -9.94
N ILE A 393 -13.92 11.88 -8.75
CA ILE A 393 -13.50 10.56 -8.30
C ILE A 393 -14.00 10.31 -6.87
N GLU A 394 -13.96 9.06 -6.46
CA GLU A 394 -14.31 8.68 -5.09
C GLU A 394 -13.07 8.08 -4.44
N ILE A 395 -12.62 8.70 -3.36
CA ILE A 395 -11.48 8.19 -2.61
C ILE A 395 -12.01 7.28 -1.51
N HIS A 396 -11.47 6.07 -1.44
CA HIS A 396 -11.83 5.11 -0.40
C HIS A 396 -10.68 5.03 0.60
N ALA A 397 -10.95 5.44 1.82
CA ALA A 397 -9.93 5.55 2.87
C ALA A 397 -10.46 4.85 4.10
N PRO A 398 -10.47 3.51 4.09
CA PRO A 398 -10.70 2.76 5.33
C PRO A 398 -9.57 3.00 6.31
N ALA A 399 -9.92 3.00 7.60
CA ALA A 399 -8.93 3.35 8.62
C ALA A 399 -7.74 2.39 8.64
N LYS A 400 -7.94 1.13 8.23
CA LYS A 400 -6.83 0.18 8.20
C LYS A 400 -5.94 0.31 6.97
N ALA A 401 -6.34 1.10 5.97
CA ALA A 401 -5.59 1.15 4.73
C ALA A 401 -4.34 2.01 4.90
N ASP A 402 -3.37 1.80 4.03
CA ASP A 402 -2.22 2.67 4.05
C ASP A 402 -2.27 3.67 2.91
N PHE A 403 -1.52 4.74 3.09
CA PHE A 403 -1.64 5.88 2.21
C PHE A 403 -1.24 5.55 0.79
N VAL A 404 -0.16 4.77 0.60
CA VAL A 404 0.31 4.53 -0.75
C VAL A 404 -0.72 3.75 -1.57
N SER A 405 -1.44 2.81 -0.94
CA SER A 405 -2.47 2.10 -1.69
C SER A 405 -3.65 3.01 -2.02
N ILE A 406 -4.06 3.88 -1.08
CA ILE A 406 -5.09 4.85 -1.41
C ILE A 406 -4.66 5.73 -2.58
N LEU A 407 -3.39 6.18 -2.57
CA LEU A 407 -2.84 7.01 -3.64
C LEU A 407 -2.88 6.28 -4.97
N LYS A 408 -2.43 5.03 -4.99
CA LYS A 408 -2.37 4.27 -6.24
C LYS A 408 -3.76 4.06 -6.83
N ALA A 409 -4.71 3.70 -5.98
CA ALA A 409 -6.09 3.53 -6.44
C ALA A 409 -6.66 4.85 -6.95
N SER A 410 -6.39 5.95 -6.23
CA SER A 410 -6.95 7.21 -6.67
C SER A 410 -6.35 7.65 -8.00
N GLU A 411 -5.06 7.41 -8.23
CA GLU A 411 -4.44 7.70 -9.54
C GLU A 411 -5.18 7.00 -10.66
N ILE A 412 -5.50 5.72 -10.45
CA ILE A 412 -6.24 4.95 -11.46
C ILE A 412 -7.58 5.61 -11.72
N GLU A 413 -8.28 6.02 -10.64
CA GLU A 413 -9.57 6.68 -10.80
C GLU A 413 -9.44 8.01 -11.56
N SER A 414 -8.40 8.78 -11.27
CA SER A 414 -8.21 10.08 -11.94
C SER A 414 -7.91 9.89 -13.43
N HIS A 415 -7.07 8.90 -13.77
CA HIS A 415 -6.79 8.65 -15.19
C HIS A 415 -8.07 8.26 -15.93
N SER A 416 -8.87 7.36 -15.35
CA SER A 416 -10.11 6.99 -16.02
C SER A 416 -11.04 8.18 -16.14
N ALA A 417 -11.19 8.97 -15.06
CA ALA A 417 -12.10 10.11 -15.14
C ALA A 417 -11.65 11.10 -16.21
N MET A 418 -10.35 11.41 -16.28
CA MET A 418 -9.87 12.33 -17.30
C MET A 418 -10.15 11.79 -18.67
N MET A 419 -9.93 10.49 -18.86
CA MET A 419 -10.19 9.90 -20.16
C MET A 419 -11.65 10.05 -20.57
N LEU A 420 -12.56 9.97 -19.60
CA LEU A 420 -14.02 9.99 -19.86
C LEU A 420 -14.63 11.38 -19.64
N ARG A 421 -13.87 12.47 -19.85
CA ARG A 421 -14.39 13.82 -19.59
C ARG A 421 -15.58 14.16 -20.49
N VAL A 422 -16.51 14.95 -19.94
CA VAL A 422 -17.63 15.59 -20.65
C VAL A 422 -17.63 17.05 -20.24
N PRO A 423 -17.58 18.00 -21.18
CA PRO A 423 -17.37 19.40 -20.76
C PRO A 423 -18.41 19.94 -19.79
N THR A 424 -19.65 19.53 -19.91
CA THR A 424 -20.71 20.06 -19.09
C THR A 424 -20.82 19.34 -17.75
N LEU A 425 -19.94 18.35 -17.49
CA LEU A 425 -20.10 17.47 -16.33
C LEU A 425 -19.75 18.22 -15.05
N MET A 426 -20.67 18.20 -14.07
CA MET A 426 -20.50 18.84 -12.77
C MET A 426 -19.73 20.17 -12.88
N ARG A 427 -20.24 21.04 -13.73
CA ARG A 427 -19.68 22.38 -13.84
C ARG A 427 -20.53 23.35 -13.03
N HIS A 428 -21.70 23.70 -13.57
CA HIS A 428 -22.59 24.62 -12.86
C HIS A 428 -23.89 23.93 -12.52
N PRO A 429 -24.53 24.32 -11.42
CA PRO A 429 -25.85 23.77 -11.07
C PRO A 429 -26.88 24.20 -12.09
N LEU A 430 -28.02 23.54 -12.02
CA LEU A 430 -29.15 23.76 -12.92
C LEU A 430 -30.40 24.08 -12.13
N HIS A 431 -31.21 25.00 -12.65
CA HIS A 431 -32.56 25.25 -12.15
C HIS A 431 -33.59 24.34 -12.78
N ARG A 432 -33.25 23.71 -13.91
CA ARG A 432 -34.19 22.88 -14.66
C ARG A 432 -33.37 22.06 -15.67
N GLY A 433 -34.05 21.13 -16.34
CA GLY A 433 -33.41 20.38 -17.41
C GLY A 433 -32.33 19.44 -16.90
N GLY A 434 -31.38 19.15 -17.77
CA GLY A 434 -30.23 18.32 -17.43
C GLY A 434 -30.37 16.88 -17.90
N SER A 435 -29.23 16.18 -17.81
CA SER A 435 -29.11 14.78 -18.23
C SER A 435 -28.57 13.91 -17.12
N GLY A 436 -28.57 14.40 -15.89
CA GLY A 436 -28.07 13.66 -14.74
C GLY A 436 -26.56 13.78 -14.50
N ILE A 437 -25.86 14.66 -15.22
CA ILE A 437 -24.40 14.76 -15.04
C ILE A 437 -23.91 16.17 -14.77
N GLU A 438 -24.78 17.17 -14.96
CA GLU A 438 -24.30 18.56 -15.00
C GLU A 438 -24.21 19.20 -13.63
N ASP A 439 -25.13 18.91 -12.74
CA ASP A 439 -25.25 19.65 -11.50
C ASP A 439 -24.24 19.10 -10.49
N PRO A 440 -23.32 19.92 -9.98
CA PRO A 440 -22.33 19.46 -9.00
C PRO A 440 -22.74 19.62 -7.53
N ARG A 441 -23.96 20.06 -7.22
CA ARG A 441 -24.27 20.45 -5.86
C ARG A 441 -24.21 19.29 -4.90
N GLY A 442 -24.32 18.07 -5.41
CA GLY A 442 -24.35 16.95 -4.50
C GLY A 442 -22.98 16.49 -4.05
N ILE A 443 -21.89 17.12 -4.48
CA ILE A 443 -20.56 16.76 -3.99
C ILE A 443 -20.04 17.91 -3.15
N ALA A 444 -19.83 17.64 -1.88
CA ALA A 444 -19.47 18.66 -0.91
C ALA A 444 -18.10 19.27 -1.24
N ALA A 445 -17.12 18.45 -1.63
CA ALA A 445 -15.72 18.86 -1.70
C ALA A 445 -15.23 19.02 -3.13
N THR A 446 -14.60 20.14 -3.40
CA THR A 446 -13.93 20.42 -4.66
C THR A 446 -12.45 20.69 -4.40
N ILE A 447 -11.57 20.22 -5.31
CA ILE A 447 -10.18 20.62 -5.29
C ILE A 447 -9.83 21.19 -6.65
N ASN A 448 -8.96 22.20 -6.66
CA ASN A 448 -8.57 22.93 -7.86
C ASN A 448 -7.08 23.16 -7.71
N MET A 449 -6.28 22.36 -8.38
CA MET A 449 -4.84 22.59 -8.31
C MET A 449 -4.29 22.96 -9.68
N PHE A 450 -3.43 23.97 -9.74
CA PHE A 450 -2.64 24.19 -10.96
C PHE A 450 -1.27 24.78 -10.63
N SER A 451 -0.41 24.89 -11.66
CA SER A 451 0.98 25.31 -11.54
C SER A 451 1.23 26.59 -12.33
N VAL A 452 2.13 27.40 -11.80
CA VAL A 452 2.61 28.62 -12.43
C VAL A 452 4.13 28.55 -12.40
N ARG A 453 4.76 28.95 -13.49
CA ARG A 453 6.23 29.03 -13.57
C ARG A 453 6.56 30.39 -14.20
N ILE A 454 6.27 31.47 -13.47
CA ILE A 454 6.58 32.84 -13.86
C ILE A 454 7.53 33.40 -12.82
N PRO A 455 8.73 33.86 -13.20
CA PRO A 455 9.67 34.38 -12.20
C PRO A 455 9.09 35.58 -11.46
N GLY A 456 9.19 35.53 -10.13
CA GLY A 456 8.66 36.54 -9.24
C GLY A 456 7.17 36.43 -8.94
N ALA A 457 6.46 35.49 -9.56
CA ALA A 457 5.03 35.37 -9.31
C ALA A 457 4.75 34.60 -8.03
N GLY A 458 3.68 34.98 -7.37
CA GLY A 458 3.19 34.26 -6.22
C GLY A 458 3.63 34.89 -4.91
N ALA A 459 3.60 34.05 -3.88
CA ALA A 459 3.90 34.54 -2.55
C ALA A 459 5.38 34.93 -2.43
N PRO A 460 5.69 35.84 -1.51
CA PRO A 460 7.10 36.14 -1.20
C PRO A 460 7.90 34.88 -0.91
N LEU A 461 9.14 34.83 -1.43
CA LEU A 461 10.02 33.69 -1.21
C LEU A 461 10.36 33.52 0.27
N ASP A 462 10.45 32.25 0.72
CA ASP A 462 10.71 31.88 2.12
C ASP A 462 11.67 30.69 2.11
N GLU A 463 12.96 30.99 2.14
CA GLU A 463 14.02 29.99 2.14
C GLU A 463 14.55 29.71 3.53
N ARG A 464 13.71 29.69 4.55
CA ARG A 464 14.12 29.21 5.84
C ARG A 464 14.14 27.69 5.81
N ALA A 465 15.17 27.09 6.42
CA ALA A 465 15.22 25.63 6.37
C ALA A 465 14.34 24.94 7.40
N ASP A 466 13.74 25.68 8.34
CA ASP A 466 12.89 25.11 9.39
C ASP A 466 11.67 25.99 9.63
N PRO A 467 10.89 26.29 8.60
CA PRO A 467 9.71 27.12 8.81
C PRO A 467 8.72 26.43 9.70
N PRO A 468 7.87 27.18 10.42
CA PRO A 468 6.91 26.55 11.32
C PRO A 468 5.92 25.68 10.57
N TRP A 469 5.25 24.80 11.32
CA TRP A 469 4.16 24.00 10.82
C TRP A 469 3.11 23.92 11.93
N PRO A 470 1.82 24.13 11.62
CA PRO A 470 1.24 24.41 10.30
C PRO A 470 1.53 25.86 9.88
N PRO A 471 1.33 26.19 8.61
CA PRO A 471 1.49 27.59 8.20
C PRO A 471 0.42 28.47 8.83
N GLN A 472 0.73 29.74 8.92
CA GLN A 472 -0.20 30.72 9.48
C GLN A 472 -1.38 30.84 8.53
N LEU A 473 -2.57 30.95 9.09
CA LEU A 473 -3.83 31.00 8.36
C LEU A 473 -4.38 32.41 8.43
N THR A 474 -4.89 32.91 7.31
CA THR A 474 -5.60 34.19 7.24
C THR A 474 -7.05 33.89 6.84
N ARG A 475 -7.98 34.30 7.68
CA ARG A 475 -9.40 34.10 7.44
C ARG A 475 -9.98 35.37 6.81
N SER A 476 -10.61 35.24 5.65
CA SER A 476 -11.20 36.39 4.99
C SER A 476 -12.53 36.77 5.66
N ALA A 477 -13.05 37.95 5.34
CA ALA A 477 -14.45 38.20 5.65
C ALA A 477 -15.36 37.33 4.77
N GLY A 478 -16.59 37.13 5.22
CA GLY A 478 -17.53 36.32 4.48
C GLY A 478 -18.11 37.07 3.28
N GLU A 479 -18.27 36.33 2.16
CA GLU A 479 -19.02 36.87 1.04
C GLU A 479 -20.41 36.24 1.02
N PRO A 480 -21.49 37.01 0.99
CA PRO A 480 -22.84 36.40 0.99
C PRO A 480 -23.13 35.73 -0.35
N TRP A 481 -23.49 34.46 -0.29
CA TRP A 481 -23.99 33.69 -1.43
C TRP A 481 -25.47 33.40 -1.19
N PRO A 482 -26.38 34.10 -1.88
CA PRO A 482 -27.80 33.76 -1.81
C PRO A 482 -28.18 32.54 -2.66
N ILE A 483 -27.23 31.96 -3.39
CA ILE A 483 -27.44 30.75 -4.19
C ILE A 483 -26.54 29.67 -3.62
N PRO A 484 -26.79 28.40 -3.97
CA PRO A 484 -25.95 27.30 -3.47
C PRO A 484 -24.45 27.53 -3.65
N LEU A 485 -23.71 27.40 -2.56
CA LEU A 485 -22.28 27.68 -2.51
C LEU A 485 -21.52 26.39 -2.27
N PRO A 486 -20.48 26.09 -3.06
CA PRO A 486 -19.61 24.94 -2.74
C PRO A 486 -19.26 24.89 -1.26
N SER A 487 -19.60 23.77 -0.63
CA SER A 487 -19.44 23.64 0.81
C SER A 487 -17.98 23.72 1.20
N ILE A 488 -17.15 22.97 0.49
CA ILE A 488 -15.71 22.84 0.74
C ILE A 488 -15.01 22.97 -0.61
N TYR A 489 -14.11 23.93 -0.73
CA TYR A 489 -13.41 24.13 -2.00
C TYR A 489 -11.96 24.43 -1.66
N LEU A 490 -11.05 23.52 -1.97
CA LEU A 490 -9.62 23.73 -1.69
C LEU A 490 -8.94 24.17 -3.00
N ARG A 491 -8.42 25.39 -3.02
CA ARG A 491 -7.64 25.91 -4.13
C ARG A 491 -6.16 25.88 -3.77
N LEU A 492 -5.34 25.34 -4.68
CA LEU A 492 -3.90 25.23 -4.51
C LEU A 492 -3.21 25.69 -5.78
N ILE A 493 -2.19 26.56 -5.64
CA ILE A 493 -1.39 27.00 -6.79
C ILE A 493 0.08 26.73 -6.48
N ASP A 494 0.72 25.87 -7.29
CA ASP A 494 2.11 25.49 -7.13
C ASP A 494 2.97 26.44 -7.97
N TYR A 495 3.59 27.39 -7.29
CA TYR A 495 4.41 28.41 -7.94
C TYR A 495 5.87 28.02 -8.09
N GLY A 496 6.23 26.80 -7.71
CA GLY A 496 7.59 26.32 -7.78
C GLY A 496 8.36 26.51 -6.48
N HIS A 497 8.42 27.74 -6.01
CA HIS A 497 9.05 28.08 -4.74
C HIS A 497 8.07 28.07 -3.57
N ALA A 498 6.77 28.05 -3.84
CA ALA A 498 5.77 28.04 -2.79
C ALA A 498 4.49 27.44 -3.35
N LEU A 499 3.67 26.94 -2.43
CA LEU A 499 2.35 26.37 -2.72
C LEU A 499 1.35 27.21 -1.95
N GLU A 500 0.58 28.05 -2.67
CA GLU A 500 -0.43 28.90 -2.04
C GLU A 500 -1.73 28.13 -1.92
N GLY A 501 -2.38 28.23 -0.78
CA GLY A 501 -3.62 27.50 -0.56
C GLY A 501 -4.70 28.44 -0.09
N SER A 502 -5.94 28.11 -0.47
CA SER A 502 -7.12 28.76 0.09
C SER A 502 -8.21 27.71 0.25
N LEU A 503 -8.62 27.47 1.50
CA LEU A 503 -9.75 26.59 1.80
C LEU A 503 -11.01 27.44 2.00
N GLU A 504 -11.88 27.40 0.99
CA GLU A 504 -13.11 28.17 1.00
C GLU A 504 -14.23 27.32 1.57
N LEU A 505 -14.86 27.81 2.64
CA LEU A 505 -15.85 27.04 3.39
C LEU A 505 -17.14 27.85 3.50
N ASN A 506 -18.27 27.13 3.53
CA ASN A 506 -19.56 27.78 3.76
C ASN A 506 -19.72 27.96 5.27
N ASP A 507 -19.43 29.16 5.74
CA ASP A 507 -19.41 29.53 7.15
C ASP A 507 -20.77 29.50 7.81
N THR A 508 -21.85 29.39 7.05
CA THR A 508 -23.19 29.22 7.56
C THR A 508 -23.55 27.76 7.76
N LEU A 509 -22.86 26.86 7.05
CA LEU A 509 -23.13 25.43 7.09
C LEU A 509 -22.23 24.70 8.08
N LEU A 510 -20.92 24.93 8.01
CA LEU A 510 -20.00 24.30 8.94
C LEU A 510 -19.84 25.20 10.16
N THR A 511 -19.91 24.60 11.35
CA THR A 511 -19.67 25.34 12.58
C THR A 511 -18.20 25.73 12.66
N ALA A 512 -17.90 26.69 13.53
CA ALA A 512 -16.50 27.08 13.70
C ALA A 512 -15.65 25.88 14.08
N ALA A 513 -16.18 25.00 14.95
CA ALA A 513 -15.41 23.83 15.36
C ALA A 513 -15.21 22.83 14.20
N GLU A 514 -16.24 22.67 13.35
CA GLU A 514 -16.07 21.81 12.17
C GLU A 514 -15.01 22.38 11.24
N GLN A 515 -15.03 23.69 11.03
CA GLN A 515 -14.06 24.31 10.13
C GLN A 515 -12.64 24.13 10.67
N ALA A 516 -12.45 24.43 11.97
CA ALA A 516 -11.13 24.27 12.58
C ALA A 516 -10.66 22.83 12.50
N ALA A 517 -11.56 21.88 12.74
CA ALA A 517 -11.17 20.48 12.66
C ALA A 517 -10.82 20.07 11.24
N LEU A 518 -11.53 20.61 10.23
CA LEU A 518 -11.20 20.22 8.86
C LEU A 518 -9.85 20.78 8.45
N ILE A 519 -9.58 22.03 8.82
CA ILE A 519 -8.28 22.63 8.55
C ILE A 519 -7.18 21.84 9.24
N GLU A 520 -7.38 21.53 10.52
CA GLU A 520 -6.41 20.73 11.26
C GLU A 520 -6.20 19.34 10.61
N ALA A 521 -7.28 18.68 10.18
CA ALA A 521 -7.14 17.40 9.47
C ALA A 521 -6.33 17.54 8.18
N LEU A 522 -6.57 18.60 7.43
CA LEU A 522 -5.84 18.78 6.19
C LEU A 522 -4.33 18.95 6.45
N PHE A 523 -3.99 19.84 7.41
CA PHE A 523 -2.57 20.08 7.70
C PHE A 523 -1.93 18.84 8.30
N ASP A 524 -2.66 18.08 9.12
CA ASP A 524 -2.10 16.84 9.66
C ASP A 524 -1.82 15.81 8.56
N ALA A 525 -2.74 15.69 7.58
CA ALA A 525 -2.49 14.76 6.48
C ALA A 525 -1.30 15.21 5.66
N LEU A 526 -1.20 16.51 5.35
CA LEU A 526 -0.05 16.98 4.60
C LEU A 526 1.25 16.69 5.34
N ASP A 527 1.26 16.94 6.65
CA ASP A 527 2.46 16.73 7.46
C ASP A 527 2.83 15.25 7.49
N ARG A 528 1.88 14.41 7.87
CA ARG A 528 2.14 13.00 8.10
C ARG A 528 2.48 12.27 6.81
N PHE A 529 1.75 12.50 5.72
CA PHE A 529 2.02 11.69 4.54
C PHE A 529 2.98 12.32 3.56
N LEU A 530 3.18 13.66 3.59
CA LEU A 530 4.04 14.26 2.59
C LEU A 530 5.26 14.98 3.17
N LEU A 531 5.13 15.56 4.35
CA LEU A 531 6.30 16.23 4.87
C LEU A 531 7.26 15.30 5.58
N GLN A 532 6.76 14.28 6.26
CA GLN A 532 7.60 13.69 7.29
C GLN A 532 8.52 12.62 6.74
N ALA A 533 9.60 12.42 7.50
CA ALA A 533 10.81 11.68 7.12
C ALA A 533 11.71 12.51 6.20
N ALA A 534 11.55 13.83 6.23
CA ALA A 534 12.27 14.68 5.30
C ALA A 534 12.55 15.99 6.03
N PRO A 535 13.42 16.06 7.04
CA PRO A 535 14.72 16.43 7.61
C PRO A 535 15.93 15.55 7.30
N ALA A 536 16.96 16.16 6.74
CA ALA A 536 18.12 15.43 6.23
C ALA A 536 19.26 15.51 7.26
N ALA A 537 19.15 14.66 8.29
CA ALA A 537 20.11 14.61 9.39
C ALA A 537 20.26 15.97 10.08
N ALA A 538 19.23 16.36 10.84
CA ALA A 538 19.16 17.60 11.60
C ALA A 538 19.36 17.26 13.09
N PRO A 539 19.46 18.22 14.01
CA PRO A 539 19.83 17.85 15.39
C PRO A 539 18.77 17.01 16.10
N LEU A 540 19.25 16.10 16.93
CA LEU A 540 18.40 15.15 17.65
C LEU A 540 18.20 15.64 19.08
N THR A 541 16.96 15.60 19.55
CA THR A 541 16.64 15.96 20.93
C THR A 541 15.90 14.80 21.59
N THR A 542 16.03 14.69 22.90
CA THR A 542 15.32 13.68 23.69
C THR A 542 14.36 14.39 24.62
N GLU A 543 13.09 14.00 24.58
CA GLU A 543 12.07 14.59 25.45
C GLU A 543 11.29 13.48 26.15
N VAL A 544 10.88 13.75 27.41
CA VAL A 544 10.02 12.84 28.16
C VAL A 544 8.56 13.01 27.74
N LEU A 545 7.85 11.90 27.57
CA LEU A 545 6.44 11.98 27.19
C LEU A 545 5.52 11.84 28.40
N GLN B 27 2.42 3.67 5.10
CA GLN B 27 1.92 4.12 6.41
C GLN B 27 0.40 4.15 6.53
N GLY B 28 -0.08 3.62 7.65
CA GLY B 28 -1.52 3.49 7.84
C GLY B 28 -2.20 4.84 8.03
N ILE B 29 -3.53 4.81 7.85
CA ILE B 29 -4.36 6.02 7.83
C ILE B 29 -4.72 6.43 9.23
N ASP B 30 -4.92 5.45 10.12
CA ASP B 30 -5.39 5.66 11.48
C ASP B 30 -4.39 5.15 12.50
N PRO B 31 -3.40 5.95 12.88
CA PRO B 31 -2.41 5.45 13.85
C PRO B 31 -3.03 5.00 15.15
N PHE B 32 -4.19 5.54 15.51
CA PHE B 32 -4.81 5.20 16.79
C PHE B 32 -5.20 3.73 16.87
N THR B 33 -5.45 3.07 15.73
CA THR B 33 -5.84 1.66 15.75
C THR B 33 -4.83 0.75 15.07
N MET B 34 -3.62 1.23 14.76
CA MET B 34 -2.55 0.33 14.34
C MET B 34 -2.11 -0.51 15.52
N THR B 35 -1.45 -1.64 15.22
CA THR B 35 -0.78 -2.35 16.29
C THR B 35 0.40 -1.53 16.79
N ILE B 36 0.80 -1.78 18.04
CA ILE B 36 1.99 -1.10 18.56
C ILE B 36 3.20 -1.32 17.71
N PRO B 37 3.55 -2.53 17.25
CA PRO B 37 4.68 -2.65 16.32
C PRO B 37 4.55 -1.78 15.09
N ALA B 38 3.36 -1.70 14.48
CA ALA B 38 3.20 -0.84 13.31
C ALA B 38 3.32 0.64 13.68
N LEU B 39 2.70 1.06 14.79
CA LEU B 39 2.84 2.46 15.22
C LEU B 39 4.30 2.84 15.44
N LEU B 40 5.04 1.97 16.14
CA LEU B 40 6.45 2.23 16.41
C LEU B 40 7.28 2.23 15.13
N SER B 41 6.98 1.32 14.19
CA SER B 41 7.71 1.32 12.92
C SER B 41 7.45 2.58 12.12
N GLU B 42 6.19 3.03 12.11
CA GLU B 42 5.84 4.27 11.42
C GLU B 42 6.60 5.44 12.01
N LEU B 43 6.64 5.53 13.33
CA LEU B 43 7.41 6.59 13.98
C LEU B 43 8.90 6.46 13.64
N GLN B 44 9.40 5.23 13.60
CA GLN B 44 10.80 4.97 13.27
C GLN B 44 11.16 5.49 11.88
N ALA B 45 10.31 5.22 10.90
CA ALA B 45 10.54 5.71 9.55
C ALA B 45 10.54 7.24 9.48
N ARG B 46 9.89 7.94 10.40
CA ARG B 46 9.90 9.40 10.40
C ARG B 46 10.97 9.97 11.32
N GLY B 47 11.92 9.15 11.76
CA GLY B 47 13.00 9.57 12.65
C GLY B 47 12.67 9.73 14.13
N ILE B 48 11.66 9.04 14.62
CA ILE B 48 11.23 9.12 16.02
C ILE B 48 11.37 7.76 16.67
N THR B 49 12.17 7.67 17.73
CA THR B 49 12.38 6.41 18.43
C THR B 49 11.93 6.55 19.88
N LEU B 50 11.13 5.60 20.36
CA LEU B 50 10.65 5.63 21.75
C LEU B 50 11.54 4.77 22.65
N SER B 51 11.64 5.18 23.91
CA SER B 51 12.41 4.41 24.87
C SER B 51 11.74 4.49 26.24
N LEU B 52 11.96 3.44 27.02
CA LEU B 52 11.39 3.30 28.35
C LEU B 52 12.53 3.17 29.36
N ALA B 53 12.50 4.00 30.40
CA ALA B 53 13.47 3.90 31.49
C ALA B 53 12.81 4.30 32.79
N ASP B 54 12.82 3.39 33.78
CA ASP B 54 12.27 3.67 35.10
C ASP B 54 10.79 4.06 35.03
N GLY B 55 10.04 3.36 34.19
CA GLY B 55 8.64 3.71 34.00
C GLY B 55 8.39 5.01 33.30
N GLU B 56 9.44 5.76 32.95
CA GLU B 56 9.29 7.00 32.20
C GLU B 56 9.47 6.71 30.70
N LEU B 57 8.47 7.11 29.92
CA LEU B 57 8.48 6.97 28.49
C LEU B 57 9.03 8.25 27.86
N SER B 58 9.95 8.12 26.91
CA SER B 58 10.55 9.28 26.25
C SER B 58 10.74 8.98 24.77
N PHE B 59 11.05 10.03 24.01
CA PHE B 59 11.23 9.92 22.57
C PHE B 59 12.43 10.75 22.12
N ARG B 60 13.11 10.23 21.11
CA ARG B 60 14.24 10.91 20.48
C ARG B 60 13.92 11.15 19.01
N ALA B 61 14.08 12.40 18.57
CA ALA B 61 13.71 12.77 17.21
C ALA B 61 14.30 14.15 16.91
N PRO B 62 14.43 14.49 15.62
CA PRO B 62 14.70 15.89 15.25
C PRO B 62 13.58 16.80 15.69
N LYS B 63 13.86 18.11 15.69
CA LYS B 63 12.97 19.09 16.29
C LYS B 63 11.65 19.14 15.53
N GLY B 64 10.55 19.24 16.27
CA GLY B 64 9.23 19.31 15.67
C GLY B 64 8.83 18.12 14.85
N ALA B 65 9.57 17.01 14.93
CA ALA B 65 9.17 15.83 14.20
C ALA B 65 7.94 15.22 14.81
N LEU B 66 7.89 15.14 16.14
CA LEU B 66 6.74 14.59 16.84
C LEU B 66 5.63 15.65 16.82
N THR B 67 4.55 15.36 16.13
CA THR B 67 3.47 16.31 15.94
C THR B 67 2.47 16.24 17.10
N PRO B 68 1.63 17.28 17.26
CA PRO B 68 0.55 17.18 18.24
C PRO B 68 -0.33 15.96 18.06
N ALA B 69 -0.62 15.58 16.81
CA ALA B 69 -1.42 14.37 16.62
C ALA B 69 -0.68 13.14 17.12
N ASP B 70 0.62 13.04 16.80
CA ASP B 70 1.46 11.98 17.37
C ASP B 70 1.37 11.96 18.88
N ARG B 71 1.47 13.14 19.50
CA ARG B 71 1.48 13.22 20.96
C ARG B 71 0.15 12.75 21.52
N ALA B 72 -0.95 13.09 20.85
CA ALA B 72 -2.25 12.60 21.32
C ALA B 72 -2.34 11.09 21.21
N THR B 73 -1.82 10.52 20.13
CA THR B 73 -1.86 9.06 20.00
C THR B 73 -1.03 8.40 21.10
N LEU B 74 0.20 8.89 21.27
CA LEU B 74 1.11 8.32 22.24
C LEU B 74 0.54 8.45 23.64
N SER B 75 -0.16 9.54 23.91
CA SER B 75 -0.80 9.70 25.21
C SER B 75 -1.98 8.74 25.34
N ALA B 76 -2.83 8.64 24.32
CA ALA B 76 -4.01 7.77 24.41
C ALA B 76 -3.63 6.30 24.54
N ARG B 77 -2.49 5.90 23.97
CA ARG B 77 -2.12 4.49 23.92
C ARG B 77 -0.90 4.21 24.81
N ARG B 78 -0.71 5.04 25.85
CA ARG B 78 0.51 4.96 26.66
C ARG B 78 0.68 3.59 27.31
N GLU B 79 -0.39 3.05 27.89
CA GLU B 79 -0.31 1.79 28.60
C GLU B 79 0.23 0.69 27.70
N ALA B 80 -0.34 0.57 26.49
CA ALA B 80 0.07 -0.48 25.55
C ALA B 80 1.48 -0.25 25.07
N ILE B 81 1.86 1.01 24.86
CA ILE B 81 3.22 1.31 24.43
C ILE B 81 4.23 0.90 25.49
N VAL B 82 4.01 1.31 26.74
CA VAL B 82 4.98 0.97 27.77
C VAL B 82 4.99 -0.55 28.02
N ALA B 83 3.84 -1.22 27.94
CA ALA B 83 3.84 -2.68 28.07
C ALA B 83 4.68 -3.31 26.97
N TYR B 84 4.51 -2.84 25.74
CA TYR B 84 5.30 -3.39 24.64
C TYR B 84 6.78 -3.12 24.85
N LEU B 85 7.12 -1.91 25.32
CA LEU B 85 8.52 -1.58 25.47
C LEU B 85 9.15 -2.35 26.62
N ALA B 86 8.37 -2.66 27.66
CA ALA B 86 8.92 -3.47 28.73
C ALA B 86 9.17 -4.90 28.25
N ALA B 87 8.24 -5.44 27.45
CA ALA B 87 8.49 -6.74 26.80
C ALA B 87 9.80 -6.71 26.03
N LYS B 88 9.99 -5.67 25.21
CA LYS B 88 11.19 -5.55 24.40
C LYS B 88 12.44 -5.48 25.27
N ALA B 89 12.35 -4.78 26.43
CA ALA B 89 13.49 -4.76 27.34
C ALA B 89 13.82 -6.14 27.90
N ALA B 90 12.83 -7.03 27.97
CA ALA B 90 13.08 -8.37 28.50
C ALA B 90 13.50 -9.36 27.41
N ARG B 91 13.81 -8.89 26.21
CA ARG B 91 14.05 -9.78 25.09
C ARG B 91 15.41 -10.47 25.20
N ARG B 92 15.58 -11.56 24.42
CA ARG B 92 16.91 -12.16 24.33
C ARG B 92 17.84 -11.23 23.58
N THR B 93 18.95 -10.87 24.21
CA THR B 93 19.87 -9.89 23.64
C THR B 93 21.20 -10.55 23.37
N ASP B 94 21.83 -10.13 22.30
CA ASP B 94 23.17 -10.61 22.00
C ASP B 94 24.21 -9.90 22.86
N PRO B 95 25.31 -10.60 23.22
CA PRO B 95 25.54 -11.99 22.84
C PRO B 95 24.88 -12.94 23.79
N VAL B 96 24.49 -14.10 23.28
CA VAL B 96 24.06 -15.21 24.11
C VAL B 96 25.34 -15.92 24.57
N THR B 97 25.65 -15.84 25.84
CA THR B 97 26.94 -16.33 26.37
C THR B 97 26.72 -17.64 27.09
N ILE B 98 27.10 -18.74 26.45
CA ILE B 98 26.89 -20.08 26.97
C ILE B 98 28.15 -20.49 27.74
N THR B 99 28.02 -20.69 29.05
CA THR B 99 29.02 -21.14 30.03
C THR B 99 28.90 -22.65 30.24
N PRO B 100 29.99 -23.40 30.43
CA PRO B 100 29.83 -24.85 30.58
C PRO B 100 29.03 -25.17 31.84
N SER B 101 28.28 -26.27 31.79
CA SER B 101 27.41 -26.62 32.88
C SER B 101 27.71 -28.03 33.39
N ALA B 102 27.93 -28.15 34.70
CA ALA B 102 28.12 -29.46 35.30
C ALA B 102 26.80 -30.22 35.45
N GLU B 103 25.66 -29.57 35.26
CA GLU B 103 24.38 -30.23 35.42
C GLU B 103 23.97 -31.01 34.18
N LEU B 104 23.39 -32.19 34.41
CA LEU B 104 22.78 -32.98 33.34
C LEU B 104 21.31 -33.09 33.70
N ARG B 105 20.43 -32.37 33.00
CA ARG B 105 19.01 -32.48 33.28
C ARG B 105 18.22 -32.19 32.01
N PRO B 106 16.95 -32.62 31.95
CA PRO B 106 16.18 -32.43 30.73
C PRO B 106 15.99 -30.95 30.49
N SER B 107 15.97 -30.57 29.23
CA SER B 107 15.68 -29.18 28.90
C SER B 107 14.19 -28.90 29.06
N LEU B 108 13.86 -27.60 29.09
CA LEU B 108 12.46 -27.19 29.13
C LEU B 108 11.67 -27.79 27.97
N LEU B 109 12.25 -27.76 26.78
CA LEU B 109 11.55 -28.27 25.61
C LEU B 109 11.46 -29.81 25.64
N GLN B 110 12.47 -30.49 26.16
CA GLN B 110 12.37 -31.95 26.28
C GLN B 110 11.26 -32.34 27.25
N GLU B 111 11.11 -31.61 28.37
CA GLU B 111 10.00 -31.88 29.29
C GLU B 111 8.65 -31.67 28.62
N LEU B 112 8.52 -30.56 27.87
CA LEU B 112 7.28 -30.31 27.15
C LEU B 112 6.97 -31.44 26.17
N TRP B 113 7.97 -31.86 25.39
CA TRP B 113 7.76 -32.97 24.46
C TRP B 113 7.36 -34.25 25.19
N TRP B 114 8.18 -34.68 26.13
CA TRP B 114 7.96 -35.95 26.83
C TRP B 114 6.56 -35.99 27.44
N HIS B 115 6.18 -34.94 28.15
CA HIS B 115 4.93 -34.98 28.88
C HIS B 115 3.73 -34.80 27.95
N TRP B 116 3.89 -34.11 26.83
CA TRP B 116 2.75 -33.99 25.93
C TRP B 116 2.53 -35.27 25.14
N TYR B 117 3.56 -35.72 24.41
CA TYR B 117 3.39 -36.81 23.45
C TYR B 117 3.34 -38.19 24.11
N GLY B 118 3.97 -38.35 25.28
CA GLY B 118 3.91 -39.64 25.94
C GLY B 118 4.59 -40.75 25.15
N LEU B 119 4.27 -41.98 25.53
CA LEU B 119 4.90 -43.18 24.97
C LEU B 119 3.86 -44.15 24.42
N PRO B 120 3.13 -43.74 23.39
CA PRO B 120 2.09 -44.62 22.84
C PRO B 120 2.71 -45.85 22.22
N PRO B 121 1.93 -46.91 22.05
CA PRO B 121 2.50 -48.14 21.46
C PRO B 121 3.07 -47.93 20.07
N ARG B 122 2.42 -47.10 19.25
CA ARG B 122 3.00 -46.65 17.99
C ARG B 122 3.19 -45.14 18.10
N GLN B 123 4.44 -44.69 17.93
CA GLN B 123 4.75 -43.26 18.00
C GLN B 123 4.26 -42.57 16.74
N LEU B 124 4.11 -41.24 16.84
CA LEU B 124 3.80 -40.48 15.63
C LEU B 124 5.03 -40.42 14.73
N ASN B 125 4.81 -40.51 13.42
CA ASN B 125 5.91 -40.56 12.47
C ASN B 125 6.84 -39.36 12.60
N GLN B 126 6.31 -38.20 12.99
CA GLN B 126 7.14 -37.00 13.15
C GLN B 126 8.21 -37.14 14.24
N GLU B 127 8.16 -38.19 15.06
CA GLU B 127 9.23 -38.40 16.01
C GLU B 127 10.55 -38.78 15.34
N ARG B 128 10.54 -39.24 14.10
CA ARG B 128 11.74 -39.75 13.45
C ARG B 128 12.19 -38.82 12.33
N LEU B 129 13.46 -38.46 12.35
CA LEU B 129 14.08 -37.64 11.29
C LEU B 129 15.14 -38.46 10.60
N PRO B 130 14.96 -38.83 9.33
CA PRO B 130 15.99 -39.62 8.63
C PRO B 130 17.10 -38.79 8.01
N LEU B 131 18.22 -39.47 7.85
CA LEU B 131 19.39 -38.97 7.14
C LEU B 131 19.78 -40.05 6.14
N VAL B 132 19.93 -39.66 4.86
CA VAL B 132 20.29 -40.55 3.76
C VAL B 132 21.39 -39.85 2.95
N LYS B 133 22.58 -40.40 2.94
CA LYS B 133 23.63 -39.72 2.21
C LYS B 133 24.59 -40.73 1.61
N LEU B 134 24.80 -40.64 0.29
CA LEU B 134 25.83 -41.43 -0.37
C LEU B 134 27.18 -40.76 -0.21
N PHE B 135 28.22 -41.56 0.05
CA PHE B 135 29.60 -41.08 0.19
C PHE B 135 30.46 -41.80 -0.83
N PRO B 136 30.48 -41.30 -2.07
CA PRO B 136 31.33 -41.93 -3.11
C PRO B 136 32.80 -41.85 -2.73
N GLY B 137 33.54 -42.93 -2.98
CA GLY B 137 34.96 -42.94 -2.71
C GLY B 137 35.37 -43.25 -1.27
N VAL B 138 34.43 -43.36 -0.36
CA VAL B 138 34.72 -43.52 1.07
C VAL B 138 34.29 -44.92 1.51
N THR B 139 35.16 -45.59 2.26
CA THR B 139 34.85 -46.91 2.82
C THR B 139 33.81 -46.80 3.93
N ALA B 140 33.11 -47.93 4.15
CA ALA B 140 32.10 -48.00 5.18
C ALA B 140 32.67 -47.72 6.56
N GLY B 141 33.87 -48.22 6.82
CA GLY B 141 34.52 -47.98 8.10
C GLY B 141 34.83 -46.52 8.34
N ARG B 142 35.25 -45.81 7.29
CA ARG B 142 35.51 -44.39 7.48
C ARG B 142 34.23 -43.61 7.72
N VAL B 143 33.15 -43.96 7.02
CA VAL B 143 31.87 -43.30 7.28
C VAL B 143 31.44 -43.54 8.73
N ALA B 144 31.47 -44.80 9.17
CA ALA B 144 31.05 -45.13 10.54
C ALA B 144 31.92 -44.44 11.57
N GLU B 145 33.23 -44.35 11.29
CA GLU B 145 34.12 -43.66 12.20
C GLU B 145 33.77 -42.18 12.29
N ALA B 146 33.48 -41.54 11.16
CA ALA B 146 33.11 -40.11 11.22
C ALA B 146 31.78 -39.92 11.95
N LEU B 147 30.80 -40.78 11.68
CA LEU B 147 29.51 -40.67 12.35
C LEU B 147 29.66 -40.85 13.86
N ARG B 148 30.39 -41.88 14.27
CA ARG B 148 30.61 -42.10 15.69
C ARG B 148 31.32 -40.92 16.35
N ALA B 149 32.28 -40.30 15.65
CA ALA B 149 32.93 -39.12 16.23
C ALA B 149 31.94 -37.96 16.42
N ILE B 150 31.04 -37.75 15.44
CA ILE B 150 30.03 -36.71 15.60
C ILE B 150 29.20 -36.99 16.85
N VAL B 151 28.81 -38.26 17.04
CA VAL B 151 28.01 -38.63 18.20
C VAL B 151 28.80 -38.47 19.49
N ALA B 152 30.12 -38.66 19.42
CA ALA B 152 30.97 -38.47 20.58
C ALA B 152 31.11 -36.98 20.92
N ARG B 153 30.95 -36.12 19.90
CA ARG B 153 31.22 -34.70 20.08
C ARG B 153 30.02 -33.91 20.61
N HIS B 154 28.84 -34.15 20.09
CA HIS B 154 27.66 -33.36 20.45
C HIS B 154 26.84 -34.17 21.44
N HIS B 155 27.07 -33.91 22.73
CA HIS B 155 26.69 -34.86 23.76
C HIS B 155 25.21 -35.10 23.81
N THR B 156 24.41 -34.09 23.44
CA THR B 156 22.97 -34.26 23.44
C THR B 156 22.53 -35.42 22.53
N LEU B 157 23.33 -35.76 21.53
CA LEU B 157 22.95 -36.87 20.66
C LEU B 157 22.87 -38.19 21.43
N ARG B 158 23.59 -38.30 22.53
CA ARG B 158 23.64 -39.53 23.31
C ARG B 158 22.61 -39.56 24.45
N SER B 159 21.65 -38.63 24.46
CA SER B 159 20.66 -38.59 25.53
C SER B 159 19.79 -39.85 25.55
N SER B 160 19.36 -40.19 26.76
CA SER B 160 18.41 -41.25 27.05
C SER B 160 17.56 -40.80 28.22
N PHE B 161 16.24 -41.01 28.13
CA PHE B 161 15.29 -40.45 29.07
C PHE B 161 14.61 -41.55 29.89
N HIS B 162 14.28 -41.23 31.13
CA HIS B 162 13.38 -42.10 31.87
C HIS B 162 12.73 -41.30 32.98
N GLU B 163 11.68 -41.87 33.56
CA GLU B 163 10.96 -41.25 34.66
C GLU B 163 11.25 -42.04 35.92
N GLU B 164 11.46 -41.32 37.02
CA GLU B 164 11.65 -42.00 38.30
C GLU B 164 10.37 -41.90 39.10
N ASP B 165 10.12 -40.75 39.72
CA ASP B 165 8.89 -40.56 40.48
C ASP B 165 8.11 -39.39 39.88
N GLY B 166 7.84 -39.49 38.58
CA GLY B 166 7.24 -38.42 37.82
C GLY B 166 8.22 -37.37 37.38
N ARG B 167 9.47 -37.46 37.80
CA ARG B 167 10.49 -36.51 37.38
C ARG B 167 11.23 -37.08 36.19
N LEU B 168 11.18 -36.37 35.08
CA LEU B 168 11.95 -36.76 33.90
C LEU B 168 13.43 -36.57 34.17
N THR B 169 14.24 -37.58 33.85
CA THR B 169 15.68 -37.51 34.02
C THR B 169 16.34 -37.96 32.70
N VAL B 170 17.53 -37.45 32.46
CA VAL B 170 18.28 -37.74 31.25
C VAL B 170 19.66 -38.27 31.64
N THR B 171 20.12 -39.30 30.92
CA THR B 171 21.46 -39.82 31.04
C THR B 171 22.11 -39.78 29.66
N LEU B 172 23.41 -39.99 29.59
CA LEU B 172 24.14 -40.00 28.33
C LEU B 172 24.66 -41.41 28.08
N ASN B 173 24.38 -41.95 26.88
CA ASN B 173 25.10 -43.15 26.48
C ASN B 173 26.53 -42.80 26.18
N GLU B 174 27.37 -43.83 26.14
CA GLU B 174 28.76 -43.74 25.68
C GLU B 174 28.78 -43.89 24.17
N ALA B 175 29.57 -43.05 23.50
CA ALA B 175 29.65 -43.12 22.04
C ALA B 175 30.23 -44.46 21.60
N ALA B 176 31.14 -45.02 22.41
CA ALA B 176 31.75 -46.30 22.11
C ALA B 176 30.71 -47.40 21.99
N ALA B 177 29.60 -47.27 22.69
CA ALA B 177 28.57 -48.30 22.76
C ALA B 177 27.53 -48.18 21.65
N LEU B 178 27.60 -47.17 20.79
CA LEU B 178 26.61 -47.07 19.72
C LEU B 178 26.77 -48.25 18.75
N PRO B 179 25.76 -49.13 18.58
CA PRO B 179 25.92 -50.23 17.64
C PRO B 179 25.62 -49.82 16.22
N ILE B 180 26.64 -49.44 15.45
CA ILE B 180 26.46 -49.06 14.06
C ILE B 180 26.33 -50.33 13.21
N GLU B 181 25.26 -50.43 12.42
CA GLU B 181 25.05 -51.63 11.63
C GLU B 181 25.72 -51.50 10.27
N PHE B 182 26.33 -52.60 9.79
CA PHE B 182 26.92 -52.69 8.46
C PHE B 182 26.17 -53.76 7.66
N VAL B 183 25.67 -53.37 6.48
CA VAL B 183 25.02 -54.27 5.52
C VAL B 183 25.63 -53.99 4.14
N GLU B 184 25.24 -54.77 3.14
CA GLU B 184 25.84 -54.68 1.80
C GLU B 184 24.78 -54.56 0.71
N ALA B 185 25.16 -53.94 -0.40
CA ALA B 185 24.34 -53.98 -1.60
C ALA B 185 25.27 -54.06 -2.81
N ASP B 186 24.73 -54.55 -3.93
CA ASP B 186 25.52 -54.72 -5.15
C ASP B 186 25.62 -53.38 -5.87
N GLY B 187 26.73 -52.67 -5.66
CA GLY B 187 26.91 -51.36 -6.29
C GLY B 187 27.06 -51.40 -7.81
N THR B 188 27.31 -52.59 -8.39
CA THR B 188 27.48 -52.70 -9.85
C THR B 188 26.17 -52.88 -10.59
N LEU B 189 25.05 -53.04 -9.88
CA LEU B 189 23.78 -53.16 -10.56
C LEU B 189 23.53 -51.90 -11.37
N PRO B 190 22.80 -52.01 -12.48
CA PRO B 190 22.47 -50.81 -13.28
C PRO B 190 21.65 -49.80 -12.49
N ARG B 191 21.88 -48.51 -12.77
CA ARG B 191 21.25 -47.39 -12.07
C ARG B 191 19.75 -47.61 -11.80
N GLU B 192 19.05 -48.23 -12.74
CA GLU B 192 17.59 -48.35 -12.67
C GLU B 192 17.10 -49.50 -11.81
N GLU B 193 17.93 -50.48 -11.48
CA GLU B 193 17.57 -51.39 -10.41
C GLU B 193 18.14 -50.97 -9.07
N LEU B 194 19.34 -50.37 -9.07
CA LEU B 194 20.02 -50.05 -7.82
C LEU B 194 19.33 -48.91 -7.09
N GLU B 195 18.87 -47.89 -7.81
CA GLU B 195 18.19 -46.78 -7.15
C GLU B 195 16.93 -47.22 -6.41
N PRO B 196 16.01 -48.00 -7.00
CA PRO B 196 14.88 -48.47 -6.20
C PRO B 196 15.28 -49.35 -5.04
N ALA B 197 16.27 -50.23 -5.22
CA ALA B 197 16.64 -51.08 -4.08
C ALA B 197 17.15 -50.23 -2.91
N LEU B 198 18.01 -49.24 -3.19
CA LEU B 198 18.50 -48.40 -2.10
C LEU B 198 17.37 -47.59 -1.51
N LYS B 199 16.45 -47.13 -2.36
CA LYS B 199 15.34 -46.34 -1.85
C LYS B 199 14.47 -47.18 -0.91
N ALA B 200 14.26 -48.46 -1.25
CA ALA B 200 13.47 -49.34 -0.41
C ALA B 200 14.19 -49.65 0.92
N GLN B 201 15.50 -49.88 0.85
CA GLN B 201 16.27 -50.02 2.09
C GLN B 201 16.11 -48.80 3.00
N ALA B 202 16.26 -47.58 2.44
CA ALA B 202 16.12 -46.37 3.26
C ALA B 202 14.72 -46.28 3.88
N ALA B 203 13.69 -46.60 3.09
CA ALA B 203 12.31 -46.50 3.58
C ALA B 203 12.05 -47.48 4.72
N GLU B 204 12.43 -48.74 4.52
CA GLU B 204 12.29 -49.73 5.58
C GLU B 204 13.04 -49.28 6.84
N TYR B 205 14.26 -48.77 6.66
CA TYR B 205 15.04 -48.37 7.81
C TYR B 205 14.37 -47.24 8.56
N ALA B 206 13.85 -46.25 7.82
CA ALA B 206 13.26 -45.07 8.44
C ALA B 206 11.90 -45.37 9.06
N ALA B 207 11.27 -46.49 8.66
CA ALA B 207 9.94 -46.79 9.16
C ALA B 207 9.98 -47.48 10.53
N ARG B 208 11.10 -48.08 10.93
CA ARG B 208 11.18 -48.75 12.24
C ARG B 208 10.96 -47.75 13.36
N GLN B 209 10.37 -48.23 14.47
CA GLN B 209 10.14 -47.39 15.64
C GLN B 209 11.46 -46.95 16.25
N LEU B 210 11.50 -45.72 16.71
CA LEU B 210 12.61 -45.19 17.49
C LEU B 210 11.98 -44.65 18.77
N PRO B 211 11.66 -45.54 19.72
CA PRO B 211 10.83 -45.16 20.86
C PRO B 211 11.49 -44.05 21.66
N LEU B 212 10.65 -43.13 22.13
CA LEU B 212 11.12 -41.98 22.90
C LEU B 212 11.80 -42.41 24.20
N ASP B 213 11.40 -43.57 24.75
CA ASP B 213 12.00 -44.10 25.96
C ASP B 213 13.10 -45.12 25.68
N GLY B 214 13.47 -45.31 24.41
CA GLY B 214 14.52 -46.24 24.08
C GLY B 214 15.87 -45.83 24.63
N GLN B 215 16.79 -46.80 24.63
CA GLN B 215 18.13 -46.59 25.16
C GLN B 215 18.87 -45.54 24.34
N TRP B 216 18.91 -45.74 23.03
CA TRP B 216 19.50 -44.77 22.09
C TRP B 216 18.39 -43.99 21.38
N LEU B 217 18.63 -42.69 21.18
CA LEU B 217 17.71 -41.86 20.44
C LEU B 217 18.20 -41.59 19.02
N LEU B 218 19.05 -42.46 18.51
CA LEU B 218 19.39 -42.49 17.10
C LEU B 218 19.78 -43.92 16.75
N ARG B 219 19.80 -44.21 15.45
CA ARG B 219 20.39 -45.43 14.95
C ARG B 219 21.10 -45.09 13.65
N ALA B 220 22.14 -45.87 13.35
CA ALA B 220 23.00 -45.62 12.22
C ALA B 220 23.32 -46.94 11.55
N ARG B 221 23.29 -46.93 10.22
CA ARG B 221 23.58 -48.12 9.43
C ARG B 221 24.33 -47.66 8.18
N VAL B 222 25.41 -48.37 7.84
CA VAL B 222 26.18 -48.11 6.63
C VAL B 222 25.94 -49.24 5.66
N VAL B 223 25.56 -48.88 4.42
CA VAL B 223 25.38 -49.84 3.33
C VAL B 223 26.63 -49.77 2.47
N SER B 224 27.43 -50.84 2.42
CA SER B 224 28.62 -50.89 1.57
C SER B 224 28.17 -51.25 0.17
N LEU B 225 28.24 -50.29 -0.76
CA LEU B 225 27.97 -50.59 -2.16
C LEU B 225 29.16 -51.21 -2.87
N ALA B 226 30.35 -50.93 -2.41
CA ALA B 226 31.58 -51.39 -3.02
C ALA B 226 32.67 -51.15 -1.99
N PRO B 227 33.88 -51.70 -2.14
CA PRO B 227 34.93 -51.48 -1.12
C PRO B 227 35.12 -50.02 -0.74
N ASP B 228 34.92 -49.11 -1.69
CA ASP B 228 35.07 -47.68 -1.44
C ASP B 228 33.82 -46.91 -1.85
N GLN B 229 32.65 -47.52 -1.73
CA GLN B 229 31.39 -46.81 -1.97
C GLN B 229 30.43 -47.16 -0.84
N SER B 230 29.96 -46.15 -0.13
CA SER B 230 29.16 -46.32 1.09
C SER B 230 27.92 -45.46 1.05
N LEU B 231 26.82 -45.99 1.60
CA LEU B 231 25.58 -45.24 1.79
C LEU B 231 25.30 -45.18 3.28
N LEU B 232 25.16 -43.97 3.83
CA LEU B 232 24.85 -43.79 5.24
C LEU B 232 23.36 -43.61 5.44
N LEU B 233 22.79 -44.39 6.36
CA LEU B 233 21.41 -44.28 6.80
C LEU B 233 21.38 -44.07 8.31
N CYS B 234 20.86 -42.92 8.74
CA CYS B 234 20.63 -42.68 10.15
C CYS B 234 19.17 -42.31 10.35
N VAL B 235 18.70 -42.49 11.57
CA VAL B 235 17.45 -41.92 12.02
C VAL B 235 17.69 -41.30 13.39
N PHE B 236 17.33 -40.04 13.55
CA PHE B 236 17.48 -39.35 14.82
C PHE B 236 16.09 -39.05 15.38
N HIS B 237 15.96 -39.07 16.70
CA HIS B 237 14.68 -38.71 17.30
C HIS B 237 14.48 -37.20 17.31
N HIS B 238 13.29 -36.74 16.91
CA HIS B 238 13.06 -35.31 16.79
C HIS B 238 13.18 -34.56 18.13
N ILE B 239 13.08 -35.25 19.28
CA ILE B 239 13.22 -34.53 20.54
C ILE B 239 14.64 -33.97 20.68
N ILE B 240 15.60 -34.60 20.05
CA ILE B 240 17.01 -34.25 20.25
C ILE B 240 17.56 -33.47 19.08
N VAL B 241 17.00 -33.66 17.89
CA VAL B 241 17.56 -33.15 16.64
C VAL B 241 16.46 -32.42 15.85
N ASP B 242 16.74 -31.19 15.39
CA ASP B 242 15.88 -30.52 14.43
C ASP B 242 16.46 -30.61 13.01
N ALA B 243 15.69 -30.11 12.04
CA ALA B 243 16.08 -30.22 10.62
C ALA B 243 17.39 -29.48 10.33
N ALA B 244 17.54 -28.29 10.91
CA ALA B 244 18.80 -27.57 10.77
C ALA B 244 19.97 -28.39 11.30
N SER B 245 19.75 -29.13 12.41
CA SER B 245 20.82 -29.97 12.95
C SER B 245 21.14 -31.14 12.02
N LEU B 246 20.16 -31.66 11.29
CA LEU B 246 20.49 -32.66 10.28
C LEU B 246 21.43 -32.09 9.23
N LEU B 247 21.16 -30.85 8.79
CA LEU B 247 22.06 -30.21 7.81
C LEU B 247 23.46 -30.01 8.40
N LEU B 248 23.53 -29.62 9.68
CA LEU B 248 24.82 -29.48 10.36
C LEU B 248 25.58 -30.79 10.39
N ILE B 249 24.87 -31.89 10.65
CA ILE B 249 25.51 -33.19 10.73
C ILE B 249 26.04 -33.61 9.36
N LEU B 250 25.25 -33.37 8.31
CA LEU B 250 25.72 -33.66 6.96
C LEU B 250 26.96 -32.82 6.62
N ALA B 251 26.93 -31.53 6.97
CA ALA B 251 28.09 -30.68 6.71
C ALA B 251 29.33 -31.16 7.48
N GLU B 252 29.14 -31.53 8.74
CA GLU B 252 30.27 -32.06 9.51
C GLU B 252 30.78 -33.37 8.91
N LEU B 253 29.87 -34.23 8.41
CA LEU B 253 30.32 -35.46 7.77
C LEU B 253 31.17 -35.16 6.54
N ASP B 254 30.67 -34.26 5.68
CA ASP B 254 31.39 -33.91 4.46
C ASP B 254 32.78 -33.40 4.79
N ALA B 255 32.88 -32.56 5.81
CA ALA B 255 34.17 -32.01 6.22
C ALA B 255 35.10 -33.09 6.77
N ARG B 256 34.57 -33.98 7.64
CA ARG B 256 35.40 -35.01 8.24
C ARG B 256 35.89 -36.01 7.21
N LEU B 257 35.10 -36.27 6.16
CA LEU B 257 35.41 -37.29 5.17
C LEU B 257 36.08 -36.72 3.91
N ALA B 258 36.26 -35.41 3.84
CA ALA B 258 37.01 -34.85 2.74
C ALA B 258 38.47 -35.26 2.86
N ASP B 259 39.19 -35.20 1.76
CA ASP B 259 40.60 -35.59 1.78
C ASP B 259 41.45 -34.44 1.26
N PRO B 260 42.22 -33.77 2.12
CA PRO B 260 42.28 -34.02 3.57
C PRO B 260 41.06 -33.43 4.30
N PRO B 261 40.78 -33.89 5.52
CA PRO B 261 39.63 -33.36 6.24
C PRO B 261 39.73 -31.85 6.48
N ARG B 262 38.59 -31.16 6.35
CA ARG B 262 38.52 -29.72 6.57
C ARG B 262 38.35 -29.45 8.05
N ALA B 263 38.77 -28.24 8.46
CA ALA B 263 38.62 -27.80 9.84
C ALA B 263 37.14 -27.78 10.23
N LEU B 264 36.87 -28.06 11.51
CA LEU B 264 35.50 -28.07 11.97
C LEU B 264 35.20 -26.79 12.73
N PRO B 265 34.18 -26.03 12.35
CA PRO B 265 33.82 -24.84 13.11
C PRO B 265 33.43 -25.20 14.55
N ALA B 266 33.87 -24.38 15.49
CA ALA B 266 33.55 -24.56 16.90
C ALA B 266 32.05 -24.59 17.09
N ALA B 267 31.60 -25.31 18.11
CA ALA B 267 30.18 -25.42 18.36
C ALA B 267 29.92 -25.48 19.86
N ALA B 268 29.01 -24.64 20.32
CA ALA B 268 28.54 -24.80 21.69
C ALA B 268 27.79 -26.11 21.85
N GLN B 269 27.66 -26.56 23.09
CA GLN B 269 26.98 -27.80 23.44
C GLN B 269 25.54 -27.50 23.85
N PHE B 270 24.61 -28.27 23.29
CA PHE B 270 23.22 -28.07 23.67
C PHE B 270 23.01 -28.25 25.15
N LEU B 271 23.71 -29.18 25.81
CA LEU B 271 23.52 -29.35 27.25
C LEU B 271 23.80 -28.02 27.99
N ASP B 272 24.83 -27.31 27.54
CA ASP B 272 25.14 -26.00 28.12
C ASP B 272 24.06 -24.97 27.78
N TYR B 273 23.62 -24.96 26.52
CA TYR B 273 22.54 -24.06 26.13
C TYR B 273 21.31 -24.32 27.00
N ALA B 274 21.01 -25.58 27.29
CA ALA B 274 19.82 -25.94 28.04
C ALA B 274 19.86 -25.37 29.44
N ALA B 275 21.06 -25.42 30.06
CA ALA B 275 21.19 -24.76 31.36
C ALA B 275 21.02 -23.25 31.26
N TRP B 276 21.69 -22.63 30.27
CA TRP B 276 21.55 -21.19 30.06
C TRP B 276 20.08 -20.81 29.87
N GLU B 277 19.34 -21.64 29.13
CA GLU B 277 17.97 -21.32 28.79
C GLU B 277 17.04 -21.46 29.99
N ARG B 278 17.26 -22.48 30.81
CA ARG B 278 16.46 -22.61 32.01
C ARG B 278 16.70 -21.41 32.94
N ALA B 279 17.96 -20.99 33.06
CA ALA B 279 18.29 -19.81 33.87
C ALA B 279 17.64 -18.54 33.29
N TRP B 280 17.77 -18.36 31.98
CA TRP B 280 17.18 -17.21 31.30
C TRP B 280 15.66 -17.17 31.49
N MET B 281 15.00 -18.33 31.43
CA MET B 281 13.55 -18.40 31.54
C MET B 281 13.07 -18.20 32.98
N ALA B 282 13.87 -18.59 33.97
CA ALA B 282 13.49 -18.46 35.39
C ALA B 282 13.73 -17.06 35.95
N ASP B 283 14.42 -16.19 35.21
CA ASP B 283 14.68 -14.82 35.66
C ASP B 283 13.39 -14.03 35.72
N PRO B 284 13.07 -13.38 36.85
CA PRO B 284 11.84 -12.56 36.90
C PRO B 284 11.85 -11.41 35.91
N ALA B 285 13.05 -11.02 35.42
CA ALA B 285 13.14 -10.01 34.37
C ALA B 285 12.35 -10.40 33.12
N ARG B 286 12.04 -11.68 32.96
CA ARG B 286 11.28 -12.10 31.79
C ARG B 286 9.81 -11.76 31.89
N GLN B 287 9.31 -11.49 33.08
CA GLN B 287 7.86 -11.40 33.26
C GLN B 287 7.18 -10.39 32.33
N PRO B 288 7.72 -9.21 32.01
CA PRO B 288 7.02 -8.34 31.05
C PRO B 288 6.83 -8.96 29.68
N LEU B 289 7.80 -9.76 29.23
CA LEU B 289 7.70 -10.45 27.95
C LEU B 289 6.61 -11.53 27.96
N ILE B 290 6.69 -12.44 28.95
CA ILE B 290 5.66 -13.45 29.15
C ILE B 290 4.27 -12.82 29.19
N ASP B 291 4.09 -11.79 30.05
CA ASP B 291 2.79 -11.16 30.17
C ASP B 291 2.31 -10.63 28.83
N TYR B 292 3.21 -9.97 28.08
CA TYR B 292 2.82 -9.46 26.77
C TYR B 292 2.22 -10.57 25.93
N TRP B 293 2.95 -11.67 25.79
CA TRP B 293 2.48 -12.71 24.89
C TRP B 293 1.20 -13.32 25.43
N ALA B 294 1.14 -13.56 26.75
CA ALA B 294 -0.07 -14.14 27.31
C ALA B 294 -1.26 -13.26 26.97
N ARG B 295 -1.10 -11.93 27.13
CA ARG B 295 -2.21 -11.04 26.85
C ARG B 295 -2.61 -11.13 25.39
N ARG B 296 -1.63 -11.09 24.48
CA ARG B 296 -1.97 -11.17 23.07
C ARG B 296 -2.74 -12.44 22.78
N PHE B 297 -2.35 -13.55 23.42
CA PHE B 297 -3.00 -14.80 23.03
C PHE B 297 -4.42 -14.85 23.55
N ARG B 298 -4.71 -14.15 24.66
CA ARG B 298 -6.10 -14.14 25.09
C ARG B 298 -6.97 -13.41 24.08
N ALA B 299 -6.39 -12.50 23.30
CA ALA B 299 -7.13 -11.68 22.36
C ALA B 299 -7.28 -12.32 20.98
N LEU B 300 -6.75 -13.53 20.78
CA LEU B 300 -6.77 -14.13 19.45
C LEU B 300 -8.18 -14.54 19.07
N PRO B 301 -8.60 -14.27 17.84
CA PRO B 301 -9.90 -14.76 17.35
C PRO B 301 -9.84 -16.26 17.11
N GLU B 302 -11.01 -16.86 16.93
CA GLU B 302 -11.18 -18.28 16.64
C GLU B 302 -11.67 -18.47 15.22
N LEU B 303 -10.99 -19.32 14.45
CA LEU B 303 -11.45 -19.67 13.12
C LEU B 303 -12.33 -20.92 13.17
N VAL B 304 -13.31 -20.97 12.26
CA VAL B 304 -14.27 -22.07 12.17
C VAL B 304 -14.24 -22.65 10.77
N GLY B 305 -14.66 -23.91 10.66
CA GLY B 305 -14.88 -24.51 9.35
C GLY B 305 -15.90 -23.69 8.56
N PRO B 306 -15.55 -23.32 7.32
CA PRO B 306 -16.48 -22.51 6.52
C PRO B 306 -17.79 -23.21 6.19
N LEU B 307 -17.80 -24.56 6.15
CA LEU B 307 -19.02 -25.31 5.88
C LEU B 307 -19.60 -26.01 7.10
N THR B 308 -18.81 -26.24 8.13
CA THR B 308 -19.25 -26.91 9.34
C THR B 308 -19.48 -26.01 10.53
N GLY B 309 -18.80 -24.88 10.62
CA GLY B 309 -18.86 -24.12 11.85
C GLY B 309 -18.18 -24.75 13.05
N ARG B 310 -17.46 -25.88 12.87
CA ARG B 310 -16.70 -26.44 13.99
C ARG B 310 -15.47 -25.56 14.24
N SER B 311 -15.11 -25.37 15.51
CA SER B 311 -13.84 -24.74 15.87
C SER B 311 -12.66 -25.43 15.20
N LEU B 312 -11.71 -24.64 14.71
CA LEU B 312 -10.52 -25.21 14.10
C LEU B 312 -9.36 -25.30 15.08
N ALA B 313 -9.62 -25.17 16.38
CA ALA B 313 -8.59 -25.49 17.35
C ALA B 313 -8.20 -26.95 17.20
N TRP B 314 -6.98 -27.30 17.63
CA TRP B 314 -6.47 -28.66 17.38
C TRP B 314 -7.34 -29.71 18.06
N GLN B 315 -7.64 -30.76 17.31
CA GLN B 315 -8.37 -31.90 17.83
C GLN B 315 -7.77 -33.17 17.26
N PRO B 316 -7.97 -34.30 17.92
CA PRO B 316 -7.53 -35.59 17.35
C PRO B 316 -8.07 -35.76 15.94
N GLY B 317 -7.48 -36.70 15.21
CA GLY B 317 -8.00 -36.97 13.88
C GLY B 317 -7.05 -37.79 13.06
N SER B 318 -7.14 -37.62 11.76
CA SER B 318 -6.35 -38.38 10.81
C SER B 318 -5.54 -37.37 9.99
N LYS B 319 -4.21 -37.43 10.11
CA LYS B 319 -3.33 -36.48 9.45
C LYS B 319 -3.14 -36.91 8.00
N VAL B 320 -3.60 -36.09 7.07
CA VAL B 320 -3.45 -36.40 5.64
C VAL B 320 -2.58 -35.32 5.00
N ASP B 321 -1.56 -35.76 4.26
CA ASP B 321 -0.56 -34.86 3.68
C ASP B 321 -0.81 -34.66 2.18
N HIS B 322 -0.89 -33.40 1.76
CA HIS B 322 -1.16 -33.05 0.38
C HIS B 322 0.13 -32.47 -0.18
N ARG B 323 0.85 -33.29 -0.95
CA ARG B 323 2.19 -32.89 -1.37
C ARG B 323 2.20 -32.36 -2.80
N PHE B 324 3.12 -31.42 -3.04
CA PHE B 324 3.25 -30.82 -4.38
C PHE B 324 4.63 -30.22 -4.52
N VAL B 325 5.03 -29.98 -5.76
CA VAL B 325 6.33 -29.36 -6.04
C VAL B 325 6.10 -28.25 -7.04
N ILE B 326 6.57 -27.06 -6.70
CA ILE B 326 6.57 -25.94 -7.65
C ILE B 326 7.90 -25.96 -8.35
N PRO B 327 7.94 -26.22 -9.66
CA PRO B 327 9.19 -26.44 -10.37
C PRO B 327 9.91 -25.13 -10.64
N ALA B 328 11.03 -25.25 -11.33
CA ALA B 328 12.02 -24.19 -11.42
C ALA B 328 11.43 -22.91 -12.01
N ALA B 329 10.69 -23.03 -13.12
CA ALA B 329 10.23 -21.81 -13.80
C ALA B 329 9.24 -21.04 -12.94
N GLN B 330 8.29 -21.73 -12.32
CA GLN B 330 7.32 -21.03 -11.50
C GLN B 330 7.96 -20.48 -10.24
N LEU B 331 8.87 -21.24 -9.63
CA LEU B 331 9.56 -20.75 -8.45
C LEU B 331 10.37 -19.50 -8.78
N ARG B 332 10.97 -19.46 -9.97
CA ARG B 332 11.69 -18.26 -10.39
C ARG B 332 10.76 -17.06 -10.53
N ARG B 333 9.57 -17.28 -11.10
CA ARG B 333 8.61 -16.18 -11.15
C ARG B 333 8.23 -15.72 -9.74
N MET B 334 8.07 -16.65 -8.80
CA MET B 334 7.73 -16.28 -7.43
C MET B 334 8.87 -15.47 -6.79
N GLN B 335 10.11 -15.86 -7.01
CA GLN B 335 11.21 -15.08 -6.44
C GLN B 335 11.30 -13.71 -7.08
N ALA B 336 10.96 -13.62 -8.37
CA ALA B 336 10.95 -12.31 -9.01
C ALA B 336 9.84 -11.43 -8.46
N ALA B 337 8.65 -11.99 -8.26
CA ALA B 337 7.57 -11.23 -7.67
C ALA B 337 7.94 -10.76 -6.26
N ALA B 338 8.62 -11.62 -5.50
CA ALA B 338 9.00 -11.25 -4.14
C ALA B 338 10.02 -10.12 -4.13
N THR B 339 10.98 -10.15 -5.06
CA THR B 339 11.91 -9.04 -5.20
C THR B 339 11.17 -7.76 -5.58
N ARG B 340 10.22 -7.85 -6.51
CA ARG B 340 9.49 -6.66 -6.93
C ARG B 340 8.67 -6.09 -5.78
N LEU B 341 8.27 -6.93 -4.83
CA LEU B 341 7.61 -6.46 -3.62
C LEU B 341 8.59 -6.12 -2.51
N GLN B 342 9.89 -6.16 -2.79
CA GLN B 342 10.94 -5.79 -1.83
C GLN B 342 10.81 -6.57 -0.52
N THR B 343 10.78 -7.90 -0.64
CA THR B 343 10.51 -8.77 0.50
C THR B 343 11.17 -10.13 0.27
N SER B 344 11.17 -10.95 1.32
CA SER B 344 11.65 -12.31 1.16
C SER B 344 10.57 -13.18 0.53
N LEU B 345 11.02 -14.29 -0.08
CA LEU B 345 10.07 -15.30 -0.54
C LEU B 345 9.24 -15.83 0.61
N PHE B 346 9.85 -16.00 1.79
CA PHE B 346 9.10 -16.48 2.95
C PHE B 346 7.96 -15.53 3.27
N SER B 347 8.23 -14.25 3.32
CA SER B 347 7.17 -13.30 3.68
C SER B 347 6.07 -13.29 2.64
N ALA B 348 6.44 -13.31 1.35
CA ALA B 348 5.41 -13.33 0.31
C ALA B 348 4.54 -14.56 0.47
N LEU B 349 5.17 -15.73 0.70
CA LEU B 349 4.40 -16.96 0.84
C LEU B 349 3.52 -16.92 2.09
N LEU B 350 4.04 -16.39 3.20
CA LEU B 350 3.24 -16.26 4.41
C LEU B 350 2.02 -15.40 4.17
N SER B 351 2.19 -14.26 3.48
CA SER B 351 1.03 -13.41 3.21
C SER B 351 0.03 -14.07 2.26
N ALA B 352 0.51 -14.79 1.24
CA ALA B 352 -0.44 -15.49 0.36
C ALA B 352 -1.22 -16.53 1.14
N PHE B 353 -0.53 -17.24 2.04
CA PHE B 353 -1.18 -18.23 2.91
C PHE B 353 -2.26 -17.60 3.78
N GLY B 354 -1.94 -16.44 4.39
CA GLY B 354 -2.92 -15.75 5.23
C GLY B 354 -4.14 -15.27 4.46
N VAL B 355 -3.89 -14.75 3.26
CA VAL B 355 -4.99 -14.32 2.40
C VAL B 355 -5.82 -15.51 1.98
N ALA B 356 -5.17 -16.61 1.60
CA ALA B 356 -5.94 -17.80 1.25
C ALA B 356 -6.80 -18.24 2.41
N LEU B 357 -6.24 -18.26 3.63
CA LEU B 357 -7.02 -18.68 4.79
C LEU B 357 -8.18 -17.72 5.09
N ALA B 358 -7.96 -16.40 4.94
CA ALA B 358 -9.01 -15.41 5.15
C ALA B 358 -10.17 -15.65 4.18
N ARG B 359 -9.85 -15.80 2.90
CA ARG B 359 -10.81 -16.08 1.84
C ARG B 359 -11.57 -17.36 2.13
N TRP B 360 -10.85 -18.42 2.48
CA TRP B 360 -11.45 -19.72 2.70
C TRP B 360 -12.34 -19.72 3.93
N SER B 361 -11.84 -19.19 5.03
CA SER B 361 -12.55 -19.25 6.29
C SER B 361 -13.67 -18.23 6.36
N GLY B 362 -13.54 -17.13 5.63
CA GLY B 362 -14.46 -16.02 5.75
C GLY B 362 -14.13 -15.04 6.87
N SER B 363 -13.01 -15.20 7.55
CA SER B 363 -12.62 -14.32 8.63
C SER B 363 -11.43 -13.48 8.18
N GLU B 364 -11.55 -12.17 8.26
CA GLU B 364 -10.50 -11.27 7.78
C GLU B 364 -9.29 -11.21 8.70
N ARG B 365 -9.38 -11.78 9.89
CA ARG B 365 -8.29 -11.78 10.84
C ARG B 365 -7.82 -13.21 11.05
N VAL B 366 -6.61 -13.52 10.59
CA VAL B 366 -6.11 -14.90 10.63
C VAL B 366 -4.82 -14.99 11.44
N PRO B 367 -4.85 -15.62 12.62
CA PRO B 367 -3.60 -15.92 13.32
C PRO B 367 -2.86 -17.05 12.62
N VAL B 368 -1.54 -16.95 12.56
CA VAL B 368 -0.69 -17.95 11.94
C VAL B 368 0.51 -18.17 12.84
N ARG B 369 0.74 -19.42 13.19
CA ARG B 369 1.95 -19.84 13.89
C ARG B 369 3.02 -20.17 12.86
N CYS B 370 4.13 -19.41 12.88
CA CYS B 370 5.24 -19.53 11.94
C CYS B 370 6.41 -20.22 12.64
N VAL B 371 6.88 -21.33 12.08
CA VAL B 371 7.98 -22.06 12.71
C VAL B 371 9.29 -21.38 12.35
N GLY B 372 10.14 -21.16 13.33
CA GLY B 372 11.42 -20.55 13.09
C GLY B 372 12.52 -21.32 13.80
N ASP B 373 13.71 -20.74 13.74
CA ASP B 373 14.96 -21.33 14.20
C ASP B 373 15.62 -20.30 15.12
N LEU B 374 15.91 -20.70 16.37
CA LEU B 374 16.52 -19.83 17.35
C LEU B 374 17.97 -19.51 17.05
N ARG B 375 18.61 -20.18 16.08
CA ARG B 375 20.01 -19.90 15.75
C ARG B 375 20.06 -18.60 14.96
N THR B 376 19.99 -17.49 15.67
CA THR B 376 20.02 -16.18 15.02
C THR B 376 21.22 -15.34 15.44
N SER B 377 22.18 -15.91 16.14
CA SER B 377 23.40 -15.24 16.54
C SER B 377 24.57 -16.18 16.29
N PRO B 378 25.77 -15.65 16.11
CA PRO B 378 26.92 -16.54 15.82
C PRO B 378 27.23 -17.52 16.93
N GLU B 379 26.88 -17.21 18.17
CA GLU B 379 27.14 -18.11 19.28
C GLU B 379 26.35 -19.41 19.16
N LEU B 380 25.27 -19.41 18.39
CA LEU B 380 24.41 -20.58 18.23
C LEU B 380 24.54 -21.25 16.88
N ALA B 381 25.43 -20.77 15.99
CA ALA B 381 25.39 -21.15 14.57
C ALA B 381 25.49 -22.66 14.31
N ASN B 382 26.42 -23.35 14.98
CA ASN B 382 26.66 -24.76 14.70
C ASN B 382 26.22 -25.66 15.85
N LEU B 383 25.38 -25.15 16.73
CA LEU B 383 24.92 -25.93 17.86
C LEU B 383 23.96 -27.02 17.38
N VAL B 384 24.33 -28.29 17.63
CA VAL B 384 23.50 -29.44 17.26
C VAL B 384 22.49 -29.68 18.37
N GLY B 385 21.21 -29.73 18.03
CA GLY B 385 20.19 -29.99 19.02
C GLY B 385 18.82 -29.55 18.48
N TYR B 386 17.92 -29.35 19.41
CA TYR B 386 16.55 -28.91 19.14
C TYR B 386 16.49 -27.42 19.45
N LEU B 387 16.37 -26.58 18.42
CA LEU B 387 16.24 -25.13 18.67
C LEU B 387 15.10 -24.53 17.85
N VAL B 388 14.00 -25.26 17.72
CA VAL B 388 12.81 -24.80 16.99
C VAL B 388 12.03 -23.82 17.85
N CYS B 389 11.50 -22.74 17.24
CA CYS B 389 10.66 -21.78 17.96
C CYS B 389 9.48 -21.40 17.09
N SER B 390 8.57 -20.60 17.65
CA SER B 390 7.36 -20.13 16.97
C SER B 390 7.33 -18.61 17.02
N ASP B 391 6.92 -17.99 15.90
CA ASP B 391 6.54 -16.57 15.81
C ASP B 391 5.06 -16.52 15.42
N VAL B 392 4.24 -15.96 16.29
CA VAL B 392 2.80 -15.89 16.07
C VAL B 392 2.47 -14.51 15.54
N ILE B 393 1.86 -14.42 14.36
CA ILE B 393 1.39 -13.12 13.91
C ILE B 393 -0.07 -13.27 13.51
N GLU B 394 -0.72 -12.13 13.41
CA GLU B 394 -2.12 -12.03 13.03
C GLU B 394 -2.16 -11.25 11.72
N ILE B 395 -2.55 -11.91 10.67
CA ILE B 395 -2.63 -11.27 9.35
C ILE B 395 -4.04 -10.71 9.17
N HIS B 396 -4.12 -9.47 8.70
CA HIS B 396 -5.39 -8.82 8.43
C HIS B 396 -5.58 -8.71 6.93
N ALA B 397 -6.63 -9.34 6.40
CA ALA B 397 -6.89 -9.34 4.97
C ALA B 397 -8.31 -8.83 4.78
N PRO B 398 -8.54 -7.52 4.91
CA PRO B 398 -9.85 -6.99 4.52
C PRO B 398 -9.99 -7.06 3.00
N ALA B 399 -11.22 -7.38 2.57
CA ALA B 399 -11.48 -7.62 1.16
C ALA B 399 -11.12 -6.41 0.30
N LYS B 400 -11.17 -5.20 0.88
CA LYS B 400 -10.82 -4.03 0.08
C LYS B 400 -9.31 -3.85 -0.10
N ALA B 401 -8.49 -4.60 0.64
CA ALA B 401 -7.06 -4.33 0.65
C ALA B 401 -6.36 -4.88 -0.58
N ASP B 402 -5.14 -4.40 -0.78
CA ASP B 402 -4.24 -4.96 -1.77
C ASP B 402 -3.20 -5.84 -1.10
N PHE B 403 -2.61 -6.74 -1.89
CA PHE B 403 -1.70 -7.74 -1.34
C PHE B 403 -0.46 -7.09 -0.74
N VAL B 404 0.13 -6.13 -1.44
CA VAL B 404 1.40 -5.57 -0.98
C VAL B 404 1.23 -4.91 0.38
N SER B 405 0.06 -4.32 0.63
CA SER B 405 -0.20 -3.65 1.90
C SER B 405 -0.31 -4.65 3.06
N ILE B 406 -1.05 -5.74 2.84
CA ILE B 406 -1.10 -6.82 3.81
C ILE B 406 0.30 -7.35 4.08
N LEU B 407 1.08 -7.47 3.00
CA LEU B 407 2.45 -7.95 3.08
C LEU B 407 3.29 -7.06 3.98
N LYS B 408 3.21 -5.75 3.76
CA LYS B 408 4.01 -4.81 4.54
C LYS B 408 3.63 -4.87 6.01
N ALA B 409 2.33 -4.87 6.31
CA ALA B 409 1.89 -4.99 7.70
C ALA B 409 2.41 -6.28 8.33
N SER B 410 2.34 -7.39 7.60
CA SER B 410 2.76 -8.66 8.15
C SER B 410 4.26 -8.68 8.41
N GLU B 411 5.05 -8.06 7.52
CA GLU B 411 6.49 -7.96 7.73
C GLU B 411 6.79 -7.31 9.08
N ILE B 412 6.06 -6.22 9.38
CA ILE B 412 6.27 -5.55 10.66
C ILE B 412 5.97 -6.50 11.82
N GLU B 413 4.84 -7.23 11.73
CA GLU B 413 4.46 -8.16 12.80
C GLU B 413 5.49 -9.28 12.96
N SER B 414 6.01 -9.77 11.84
CA SER B 414 7.00 -10.84 11.85
C SER B 414 8.31 -10.38 12.49
N HIS B 415 8.79 -9.18 12.15
CA HIS B 415 9.99 -8.68 12.81
C HIS B 415 9.77 -8.53 14.31
N SER B 416 8.61 -8.01 14.71
CA SER B 416 8.38 -7.83 16.14
C SER B 416 8.32 -9.18 16.86
N ALA B 417 7.62 -10.14 16.28
CA ALA B 417 7.51 -11.46 16.88
C ALA B 417 8.89 -12.09 17.04
N MET B 418 9.71 -12.02 15.98
CA MET B 418 11.05 -12.59 16.05
C MET B 418 11.90 -11.93 17.14
N MET B 419 11.77 -10.59 17.28
CA MET B 419 12.50 -9.89 18.34
C MET B 419 12.07 -10.40 19.71
N LEU B 420 10.78 -10.71 19.88
CA LEU B 420 10.23 -11.03 21.18
C LEU B 420 10.07 -12.53 21.42
N ARG B 421 10.95 -13.35 20.84
CA ARG B 421 10.82 -14.80 20.95
C ARG B 421 11.03 -15.28 22.38
N VAL B 422 10.25 -16.29 22.74
CA VAL B 422 10.38 -17.06 23.98
C VAL B 422 10.46 -18.54 23.57
N PRO B 423 11.45 -19.33 24.03
CA PRO B 423 11.65 -20.68 23.47
C PRO B 423 10.49 -21.63 23.64
N THR B 424 9.80 -21.56 24.75
CA THR B 424 8.68 -22.44 25.02
C THR B 424 7.39 -21.97 24.38
N LEU B 425 7.42 -20.85 23.65
CA LEU B 425 6.18 -20.22 23.18
C LEU B 425 5.56 -21.03 22.06
N MET B 426 4.30 -21.42 22.26
CA MET B 426 3.48 -22.20 21.32
C MET B 426 4.30 -23.25 20.59
N ARG B 427 4.97 -24.10 21.36
CA ARG B 427 5.72 -25.22 20.81
C ARG B 427 4.84 -26.46 20.89
N HIS B 428 4.76 -27.05 22.07
CA HIS B 428 3.96 -28.23 22.32
C HIS B 428 2.81 -27.88 23.24
N PRO B 429 1.67 -28.55 23.09
CA PRO B 429 0.56 -28.32 24.02
C PRO B 429 0.88 -28.79 25.43
N LEU B 430 0.02 -28.41 26.39
CA LEU B 430 0.19 -28.76 27.80
C LEU B 430 -1.07 -29.44 28.31
N HIS B 431 -0.89 -30.40 29.23
CA HIS B 431 -2.03 -31.00 29.90
C HIS B 431 -2.48 -30.20 31.14
N ARG B 432 -1.62 -29.31 31.65
CA ARG B 432 -1.71 -28.48 32.86
C ARG B 432 -0.76 -27.33 32.73
N GLY B 433 -0.98 -26.42 33.66
CA GLY B 433 -0.04 -25.47 34.08
C GLY B 433 0.24 -24.51 32.97
N GLY B 434 1.44 -23.96 33.05
CA GLY B 434 1.87 -23.05 32.03
C GLY B 434 1.64 -21.62 32.48
N SER B 435 2.10 -20.72 31.63
CA SER B 435 2.01 -19.28 31.86
C SER B 435 1.18 -18.59 30.78
N GLY B 436 0.42 -19.38 30.00
CA GLY B 436 -0.44 -18.85 28.98
C GLY B 436 0.20 -18.58 27.63
N ILE B 437 1.44 -19.02 27.42
CA ILE B 437 2.13 -18.79 26.15
C ILE B 437 2.56 -20.09 25.49
N GLU B 438 2.43 -21.23 26.17
CA GLU B 438 3.02 -22.49 25.72
C GLU B 438 2.15 -23.27 24.75
N ASP B 439 0.84 -23.30 24.99
CA ASP B 439 -0.04 -24.21 24.26
C ASP B 439 -0.39 -23.62 22.89
N PRO B 440 -0.10 -24.30 21.80
CA PRO B 440 -0.44 -23.78 20.46
C PRO B 440 -1.80 -24.21 19.94
N ARG B 441 -2.61 -24.93 20.72
CA ARG B 441 -3.78 -25.58 20.14
C ARG B 441 -4.85 -24.61 19.64
N GLY B 442 -4.88 -23.38 20.14
CA GLY B 442 -5.93 -22.48 19.74
C GLY B 442 -5.71 -21.76 18.43
N ILE B 443 -4.56 -21.99 17.78
CA ILE B 443 -4.27 -21.44 16.46
C ILE B 443 -4.33 -22.58 15.46
N ALA B 444 -5.30 -22.49 14.53
CA ALA B 444 -5.55 -23.56 13.56
C ALA B 444 -4.38 -23.76 12.61
N ALA B 445 -3.79 -22.67 12.13
CA ALA B 445 -2.85 -22.71 11.03
C ALA B 445 -1.40 -22.51 11.49
N THR B 446 -0.55 -23.42 11.04
CA THR B 446 0.89 -23.31 11.18
C THR B 446 1.51 -23.24 9.78
N ILE B 447 2.55 -22.44 9.63
CA ILE B 447 3.40 -22.51 8.45
C ILE B 447 4.83 -22.76 8.91
N ASN B 448 5.58 -23.52 8.09
CA ASN B 448 6.97 -23.91 8.39
C ASN B 448 7.71 -23.84 7.07
N MET B 449 8.49 -22.79 6.86
CA MET B 449 9.26 -22.67 5.64
C MET B 449 10.74 -22.61 5.98
N PHE B 450 11.56 -23.32 5.19
CA PHE B 450 12.98 -23.06 5.24
C PHE B 450 13.64 -23.36 3.90
N SER B 451 14.93 -23.02 3.81
CA SER B 451 15.69 -23.12 2.57
C SER B 451 16.84 -24.10 2.74
N VAL B 452 17.15 -24.81 1.66
CA VAL B 452 18.30 -25.70 1.61
C VAL B 452 19.09 -25.40 0.34
N ARG B 453 20.41 -25.28 0.48
CA ARG B 453 21.28 -24.98 -0.66
C ARG B 453 22.45 -25.96 -0.70
N ILE B 454 22.15 -27.24 -0.89
CA ILE B 454 23.14 -28.29 -1.06
C ILE B 454 22.87 -29.01 -2.38
N PRO B 455 23.87 -29.15 -3.27
CA PRO B 455 23.69 -29.78 -4.59
C PRO B 455 23.15 -31.22 -4.56
N ASP B 462 14.10 -29.81 -13.12
CA ASP B 462 12.94 -29.94 -13.99
C ASP B 462 13.17 -29.20 -15.31
N GLU B 463 12.87 -27.91 -15.29
CA GLU B 463 13.06 -27.01 -16.43
C GLU B 463 12.08 -27.26 -17.57
N ARG B 464 10.82 -27.54 -17.23
CA ARG B 464 9.75 -27.41 -18.21
C ARG B 464 9.27 -25.98 -18.22
N ALA B 465 9.16 -25.41 -19.42
CA ALA B 465 8.57 -24.08 -19.61
C ALA B 465 7.06 -24.15 -19.64
N ASP B 466 6.52 -25.34 -19.39
CA ASP B 466 5.14 -25.72 -19.55
C ASP B 466 4.57 -26.34 -18.28
N PRO B 467 4.80 -25.77 -17.10
CA PRO B 467 4.28 -26.40 -15.91
C PRO B 467 2.80 -26.11 -15.80
N PRO B 468 2.01 -27.09 -15.38
CA PRO B 468 0.60 -26.82 -15.13
C PRO B 468 0.46 -25.90 -13.93
N TRP B 469 -0.74 -25.35 -13.78
CA TRP B 469 -1.12 -24.72 -12.53
C TRP B 469 -2.58 -25.08 -12.34
N PRO B 470 -2.96 -25.59 -11.16
CA PRO B 470 -2.07 -25.79 -10.01
C PRO B 470 -1.11 -26.98 -10.22
N PRO B 471 -0.05 -27.09 -9.41
CA PRO B 471 0.85 -28.25 -9.52
C PRO B 471 0.12 -29.52 -9.12
N GLN B 472 0.67 -30.63 -9.58
CA GLN B 472 0.07 -31.92 -9.28
C GLN B 472 0.13 -32.18 -7.78
N LEU B 473 -0.98 -32.66 -7.23
CA LEU B 473 -1.11 -32.99 -5.81
C LEU B 473 -1.22 -34.49 -5.59
N THR B 474 -0.44 -34.99 -4.63
CA THR B 474 -0.52 -36.38 -4.18
C THR B 474 -1.03 -36.38 -2.74
N ARG B 475 -2.11 -37.11 -2.48
CA ARG B 475 -2.70 -37.22 -1.17
C ARG B 475 -2.17 -38.48 -0.48
N SER B 476 -1.61 -38.32 0.71
CA SER B 476 -1.08 -39.43 1.49
C SER B 476 -2.23 -40.19 2.16
N ALA B 477 -1.89 -41.35 2.70
CA ALA B 477 -2.80 -42.03 3.62
C ALA B 477 -2.90 -41.24 4.93
N GLY B 478 -3.99 -41.48 5.65
CA GLY B 478 -4.16 -40.80 6.93
C GLY B 478 -3.34 -41.48 8.00
N GLU B 479 -2.69 -40.66 8.85
CA GLU B 479 -2.03 -41.19 10.06
C GLU B 479 -2.92 -40.92 11.26
N PRO B 480 -3.27 -41.91 12.07
CA PRO B 480 -4.13 -41.63 13.22
C PRO B 480 -3.39 -40.84 14.29
N TRP B 481 -3.97 -39.71 14.68
CA TRP B 481 -3.51 -38.94 15.83
C TRP B 481 -4.57 -39.04 16.92
N PRO B 482 -4.38 -39.85 17.96
CA PRO B 482 -5.33 -39.86 19.07
C PRO B 482 -5.21 -38.65 19.98
N ILE B 483 -4.22 -37.78 19.74
CA ILE B 483 -4.03 -36.55 20.51
C ILE B 483 -4.30 -35.37 19.57
N PRO B 484 -4.50 -34.15 20.09
CA PRO B 484 -4.73 -33.00 19.21
C PRO B 484 -3.70 -32.85 18.11
N LEU B 485 -4.19 -32.68 16.90
CA LEU B 485 -3.38 -32.60 15.72
C LEU B 485 -3.48 -31.19 15.14
N PRO B 486 -2.34 -30.54 14.78
CA PRO B 486 -2.42 -29.25 14.07
C PRO B 486 -3.46 -29.31 12.96
N SER B 487 -4.49 -28.46 13.01
CA SER B 487 -5.58 -28.55 12.04
C SER B 487 -5.09 -28.32 10.61
N ILE B 488 -4.25 -27.30 10.43
CA ILE B 488 -3.73 -26.91 9.13
C ILE B 488 -2.24 -26.65 9.33
N TYR B 489 -1.41 -27.34 8.56
CA TYR B 489 0.03 -27.17 8.72
C TYR B 489 0.65 -27.15 7.33
N LEU B 490 1.14 -26.01 6.86
CA LEU B 490 1.78 -25.95 5.54
C LEU B 490 3.29 -25.96 5.72
N ARG B 491 3.96 -27.01 5.20
CA ARG B 491 5.40 -27.14 5.18
C ARG B 491 5.92 -26.80 3.79
N LEU B 492 6.97 -25.98 3.73
CA LEU B 492 7.58 -25.54 2.49
C LEU B 492 9.09 -25.57 2.65
N ILE B 493 9.76 -26.21 1.69
CA ILE B 493 11.22 -26.23 1.62
C ILE B 493 11.63 -25.70 0.26
N ASP B 494 12.35 -24.60 0.25
CA ASP B 494 12.86 -24.00 -0.98
C ASP B 494 14.28 -24.52 -1.22
N TYR B 495 14.42 -25.40 -2.20
CA TYR B 495 15.71 -25.95 -2.56
C TYR B 495 16.44 -25.13 -3.60
N GLY B 496 15.91 -23.98 -4.00
CA GLY B 496 16.54 -23.16 -5.00
C GLY B 496 16.03 -23.43 -6.40
N HIS B 497 16.12 -24.69 -6.82
CA HIS B 497 15.64 -25.11 -8.13
C HIS B 497 14.18 -25.56 -8.10
N ALA B 498 13.64 -25.82 -6.91
CA ALA B 498 12.27 -26.27 -6.74
C ALA B 498 11.82 -25.92 -5.33
N LEU B 499 10.50 -25.86 -5.16
CA LEU B 499 9.87 -25.59 -3.88
C LEU B 499 8.96 -26.76 -3.53
N GLU B 500 9.33 -27.55 -2.53
CA GLU B 500 8.51 -28.68 -2.11
C GLU B 500 7.54 -28.26 -1.03
N GLY B 501 6.28 -28.64 -1.19
CA GLY B 501 5.25 -28.25 -0.27
C GLY B 501 4.46 -29.44 0.19
N SER B 502 4.00 -29.35 1.43
CA SER B 502 3.09 -30.32 2.01
C SER B 502 2.05 -29.60 2.84
N LEU B 503 0.79 -29.69 2.45
CA LEU B 503 -0.33 -29.17 3.25
C LEU B 503 -0.91 -30.33 4.05
N GLU B 504 -0.63 -30.36 5.36
CA GLU B 504 -1.09 -31.41 6.25
C GLU B 504 -2.36 -30.95 6.94
N LEU B 505 -3.42 -31.77 6.83
CA LEU B 505 -4.74 -31.41 7.33
C LEU B 505 -5.30 -32.49 8.21
N ASN B 506 -6.13 -32.09 9.19
CA ASN B 506 -6.88 -33.03 10.01
C ASN B 506 -8.12 -33.42 9.20
N ASP B 507 -8.02 -34.55 8.50
CA ASP B 507 -9.08 -35.08 7.64
C ASP B 507 -10.33 -35.47 8.43
N THR B 508 -10.26 -35.58 9.74
CA THR B 508 -11.44 -35.82 10.54
C THR B 508 -12.18 -34.53 10.89
N LEU B 509 -11.49 -33.39 10.91
CA LEU B 509 -12.09 -32.12 11.29
C LEU B 509 -12.62 -31.37 10.07
N LEU B 510 -11.84 -31.29 9.01
CA LEU B 510 -12.25 -30.62 7.78
C LEU B 510 -12.92 -31.60 6.84
N THR B 511 -14.08 -31.20 6.28
CA THR B 511 -14.73 -32.04 5.29
C THR B 511 -13.94 -32.01 3.99
N ALA B 512 -14.23 -32.99 3.12
CA ALA B 512 -13.58 -33.03 1.82
C ALA B 512 -13.86 -31.76 1.02
N ALA B 513 -15.08 -31.23 1.10
CA ALA B 513 -15.32 -29.98 0.38
C ALA B 513 -14.52 -28.84 0.99
N GLU B 514 -14.44 -28.78 2.33
CA GLU B 514 -13.63 -27.75 2.98
C GLU B 514 -12.16 -27.88 2.61
N GLN B 515 -11.64 -29.13 2.57
CA GLN B 515 -10.24 -29.37 2.22
C GLN B 515 -9.95 -28.94 0.79
N ALA B 516 -10.84 -29.31 -0.14
CA ALA B 516 -10.70 -28.90 -1.54
C ALA B 516 -10.76 -27.38 -1.68
N ALA B 517 -11.69 -26.73 -0.97
CA ALA B 517 -11.76 -25.26 -1.08
C ALA B 517 -10.50 -24.61 -0.51
N LEU B 518 -9.95 -25.16 0.57
CA LEU B 518 -8.74 -24.55 1.12
C LEU B 518 -7.57 -24.74 0.16
N ILE B 519 -7.48 -25.90 -0.47
CA ILE B 519 -6.42 -26.12 -1.44
C ILE B 519 -6.58 -25.16 -2.61
N GLU B 520 -7.81 -25.03 -3.12
CA GLU B 520 -8.06 -24.11 -4.21
C GLU B 520 -7.70 -22.68 -3.80
N ALA B 521 -8.11 -22.28 -2.60
CA ALA B 521 -7.80 -20.95 -2.11
C ALA B 521 -6.28 -20.71 -2.05
N LEU B 522 -5.54 -21.71 -1.59
CA LEU B 522 -4.10 -21.58 -1.49
C LEU B 522 -3.47 -21.40 -2.87
N PHE B 523 -3.84 -22.27 -3.81
CA PHE B 523 -3.22 -22.20 -5.11
C PHE B 523 -3.65 -20.94 -5.86
N ASP B 524 -4.90 -20.51 -5.66
CA ASP B 524 -5.37 -19.27 -6.26
C ASP B 524 -4.57 -18.08 -5.70
N ALA B 525 -4.34 -18.05 -4.39
CA ALA B 525 -3.57 -16.96 -3.82
C ALA B 525 -2.16 -16.93 -4.37
N LEU B 526 -1.51 -18.11 -4.43
CA LEU B 526 -0.14 -18.18 -4.92
C LEU B 526 -0.06 -17.72 -6.36
N ASP B 527 -1.01 -18.17 -7.18
CA ASP B 527 -1.04 -17.78 -8.59
C ASP B 527 -1.25 -16.26 -8.72
N ARG B 528 -2.29 -15.75 -8.07
CA ARG B 528 -2.69 -14.37 -8.28
C ARG B 528 -1.65 -13.40 -7.75
N PHE B 529 -1.11 -13.65 -6.54
CA PHE B 529 -0.26 -12.65 -5.95
C PHE B 529 1.23 -12.88 -6.22
N LEU B 530 1.64 -14.08 -6.64
CA LEU B 530 3.06 -14.33 -6.84
C LEU B 530 3.42 -14.78 -8.24
N LEU B 531 2.55 -15.50 -8.93
CA LEU B 531 2.88 -15.94 -10.29
C LEU B 531 2.57 -14.86 -11.32
N GLN B 532 1.51 -14.08 -11.11
CA GLN B 532 0.97 -13.19 -12.14
C GLN B 532 1.61 -11.79 -12.12
N ALA B 533 2.82 -11.66 -11.58
CA ALA B 533 3.42 -10.34 -11.34
C ALA B 533 4.39 -9.94 -12.45
N PRO B 539 3.24 -14.83 -26.83
CA PRO B 539 2.54 -14.28 -27.99
C PRO B 539 1.10 -13.91 -27.65
N LEU B 540 0.58 -12.88 -28.30
CA LEU B 540 -0.72 -12.32 -27.96
C LEU B 540 -1.80 -12.88 -28.88
N THR B 541 -2.93 -13.27 -28.28
CA THR B 541 -4.09 -13.77 -29.01
C THR B 541 -5.32 -12.97 -28.60
N THR B 542 -6.33 -12.92 -29.49
CA THR B 542 -7.61 -12.28 -29.19
C THR B 542 -8.72 -13.32 -29.25
N GLU B 543 -9.48 -13.44 -28.17
CA GLU B 543 -10.64 -14.33 -28.09
C GLU B 543 -11.85 -13.56 -27.57
N VAL B 544 -13.04 -13.97 -28.01
CA VAL B 544 -14.24 -13.44 -27.41
C VAL B 544 -14.42 -14.10 -26.04
N LEU B 545 -14.88 -13.34 -25.08
CA LEU B 545 -14.91 -13.84 -23.72
C LEU B 545 -16.19 -14.61 -23.48
P PO4 C . -13.01 27.86 -10.91
O1 PO4 C . -12.63 26.76 -11.86
O2 PO4 C . -13.82 27.30 -9.79
O3 PO4 C . -13.83 28.88 -11.64
O4 PO4 C . -11.76 28.48 -10.39
P PO4 D . 8.35 -29.03 13.23
O1 PO4 D . 6.90 -28.72 13.39
O2 PO4 D . 9.19 -27.78 13.31
O3 PO4 D . 8.58 -29.70 11.91
O4 PO4 D . 8.78 -29.92 14.36
#